data_6BZP
# 
_entry.id   6BZP 
# 
_audit_conform.dict_name       mmcif_pdbx.dic 
_audit_conform.dict_version    5.387 
_audit_conform.dict_location   http://mmcif.pdb.org/dictionaries/ascii/mmcif_pdbx.dic 
# 
loop_
_database_2.database_id 
_database_2.database_code 
_database_2.pdbx_database_accession 
_database_2.pdbx_DOI 
PDB   6BZP         pdb_00006bzp 10.2210/pdb6bzp/pdb 
WWPDB D_1000231799 ?            ?                   
# 
loop_
_pdbx_audit_revision_history.ordinal 
_pdbx_audit_revision_history.data_content_type 
_pdbx_audit_revision_history.major_revision 
_pdbx_audit_revision_history.minor_revision 
_pdbx_audit_revision_history.revision_date 
1 'Structure model' 1 0 2018-04-04 
2 'Structure model' 1 1 2018-04-25 
3 'Structure model' 1 2 2019-11-06 
4 'Structure model' 1 3 2019-11-20 
5 'Structure model' 1 4 2021-06-30 
6 'Structure model' 1 5 2024-03-13 
# 
_pdbx_audit_revision_details.ordinal             1 
_pdbx_audit_revision_details.revision_ordinal    1 
_pdbx_audit_revision_details.data_content_type   'Structure model' 
_pdbx_audit_revision_details.provider            repository 
_pdbx_audit_revision_details.type                'Initial release' 
_pdbx_audit_revision_details.description         ? 
_pdbx_audit_revision_details.details             ? 
# 
loop_
_pdbx_audit_revision_group.ordinal 
_pdbx_audit_revision_group.revision_ordinal 
_pdbx_audit_revision_group.data_content_type 
_pdbx_audit_revision_group.group 
1 2 'Structure model' 'Data collection'            
2 3 'Structure model' 'Author supporting evidence' 
3 3 'Structure model' 'Data collection'            
4 4 'Structure model' 'Author supporting evidence' 
5 5 'Structure model' 'Data collection'            
6 6 'Structure model' 'Data collection'            
7 6 'Structure model' 'Database references'        
# 
loop_
_pdbx_audit_revision_category.ordinal 
_pdbx_audit_revision_category.revision_ordinal 
_pdbx_audit_revision_category.data_content_type 
_pdbx_audit_revision_category.category 
1 2 'Structure model' diffrn_source      
2 3 'Structure model' pdbx_audit_support 
3 4 'Structure model' pdbx_audit_support 
4 5 'Structure model' diffrn_detector    
5 6 'Structure model' chem_comp_atom     
6 6 'Structure model' chem_comp_bond     
7 6 'Structure model' database_2         
# 
loop_
_pdbx_audit_revision_item.ordinal 
_pdbx_audit_revision_item.revision_ordinal 
_pdbx_audit_revision_item.data_content_type 
_pdbx_audit_revision_item.item 
1 2 'Structure model' '_diffrn_source.source'                    
2 3 'Structure model' '_pdbx_audit_support.funding_organization' 
3 4 'Structure model' '_pdbx_audit_support.funding_organization' 
4 5 'Structure model' '_diffrn_detector.detector'                
5 6 'Structure model' '_database_2.pdbx_DOI'                     
6 6 'Structure model' '_database_2.pdbx_database_accession'      
# 
_pdbx_database_status.status_code                     REL 
_pdbx_database_status.status_code_sf                  REL 
_pdbx_database_status.status_code_mr                  ? 
_pdbx_database_status.entry_id                        6BZP 
_pdbx_database_status.recvd_initial_deposition_date   2017-12-25 
_pdbx_database_status.SG_entry                        N 
_pdbx_database_status.deposit_site                    RCSB 
_pdbx_database_status.process_site                    RCSB 
_pdbx_database_status.status_code_cs                  ? 
_pdbx_database_status.methods_development_category    ? 
_pdbx_database_status.pdb_format_compatible           Y 
_pdbx_database_status.status_code_nmr_data            ? 
# 
loop_
_audit_author.name 
_audit_author.pdbx_ordinal 
_audit_author.identifier_ORCID 
'Hughes, M.P.'    1 ? 
'Rodriguez, J.A.' 2 ? 
'Sawaya, M.R.'    3 ? 
'Cascio, D.'      4 ? 
'Gonen, T.'       5 ? 
'Eisenberg, D.S.' 6 ? 
# 
_citation.abstract                  ? 
_citation.abstract_id_CAS           ? 
_citation.book_id_ISBN              ? 
_citation.book_publisher            ? 
_citation.book_publisher_city       ? 
_citation.book_title                ? 
_citation.coordinate_linkage        ? 
_citation.country                   US 
_citation.database_id_Medline       ? 
_citation.details                   ? 
_citation.id                        primary 
_citation.journal_abbrev            Science 
_citation.journal_id_ASTM           SCIEAS 
_citation.journal_id_CSD            0038 
_citation.journal_id_ISSN           1095-9203 
_citation.journal_full              ? 
_citation.journal_issue             ? 
_citation.journal_volume            359 
_citation.language                  ? 
_citation.page_first                698 
_citation.page_last                 701 
_citation.title                     
'Atomic structures of low-complexity protein segments reveal kinked beta sheets that assemble networks.' 
_citation.year                      2018 
_citation.database_id_CSD           ? 
_citation.pdbx_database_id_DOI      10.1126/science.aan6398 
_citation.pdbx_database_id_PubMed   29439243 
_citation.unpublished_flag          ? 
# 
loop_
_citation_author.citation_id 
_citation_author.name 
_citation_author.ordinal 
_citation_author.identifier_ORCID 
primary 'Hughes, M.P.'    1 ? 
primary 'Sawaya, M.R.'    2 ? 
primary 'Boyer, D.R.'     3 ? 
primary 'Goldschmidt, L.' 4 ? 
primary 'Rodriguez, J.A.' 5 ? 
primary 'Cascio, D.'      6 ? 
primary 'Chong, L.'       7 ? 
primary 'Gonen, T.'       8 ? 
primary 'Eisenberg, D.S.' 9 ? 
# 
loop_
_entity.id 
_entity.type 
_entity.src_method 
_entity.pdbx_description 
_entity.formula_weight 
_entity.pdbx_number_of_molecules 
_entity.pdbx_ec 
_entity.pdbx_mutation 
_entity.pdbx_fragment 
_entity.details 
1 polymer     syn 'RNA-binding protein FUS'                 540.526 2 ? ? 'UNP residues 77-82' ? 
2 non-polymer syn '2-[2-(2-METHOXY-ETHOXY)-ETHOXY]-ETHOXYL' 164.200 1 ? ? 'residues 77-82'     ? 
3 water       nat water                                     18.015  3 ? ? ?                    ? 
# 
_entity_name_com.entity_id   1 
_entity_name_com.name        
'FUS, 75 kDa DNA-pairing protein, Oncogene FUS, Oncogene TLS, POMp75, Translocated in liposarcoma protein' 
# 
_entity_poly.entity_id                      1 
_entity_poly.type                           'polypeptide(L)' 
_entity_poly.nstd_linkage                   no 
_entity_poly.nstd_monomer                   no 
_entity_poly.pdbx_seq_one_letter_code       STGGYG 
_entity_poly.pdbx_seq_one_letter_code_can   STGGYG 
_entity_poly.pdbx_strand_id                 A,B 
_entity_poly.pdbx_target_identifier         ? 
# 
loop_
_pdbx_entity_nonpoly.entity_id 
_pdbx_entity_nonpoly.name 
_pdbx_entity_nonpoly.comp_id 
2 '2-[2-(2-METHOXY-ETHOXY)-ETHOXY]-ETHOXYL' TOE 
3 water                                     HOH 
# 
loop_
_entity_poly_seq.entity_id 
_entity_poly_seq.num 
_entity_poly_seq.mon_id 
_entity_poly_seq.hetero 
1 1 SER n 
1 2 THR n 
1 3 GLY n 
1 4 GLY n 
1 5 TYR n 
1 6 GLY n 
# 
_pdbx_entity_src_syn.entity_id              1 
_pdbx_entity_src_syn.pdbx_src_id            1 
_pdbx_entity_src_syn.pdbx_alt_source_flag   sample 
_pdbx_entity_src_syn.pdbx_beg_seq_num       1 
_pdbx_entity_src_syn.pdbx_end_seq_num       6 
_pdbx_entity_src_syn.organism_scientific    'Homo sapiens' 
_pdbx_entity_src_syn.organism_common_name   Human 
_pdbx_entity_src_syn.ncbi_taxonomy_id       9606 
_pdbx_entity_src_syn.details                ? 
# 
loop_
_chem_comp.id 
_chem_comp.type 
_chem_comp.mon_nstd_flag 
_chem_comp.name 
_chem_comp.pdbx_synonyms 
_chem_comp.formula 
_chem_comp.formula_weight 
GLY 'peptide linking'   y GLYCINE                                   ? 'C2 H5 N O2'  75.067  
HOH non-polymer         . WATER                                     ? 'H2 O'        18.015  
SER 'L-peptide linking' y SERINE                                    ? 'C3 H7 N O3'  105.093 
THR 'L-peptide linking' y THREONINE                                 ? 'C4 H9 N O3'  119.119 
TOE non-polymer         . '2-[2-(2-METHOXY-ETHOXY)-ETHOXY]-ETHOXYL' ? 'C7 H16 O4'   164.200 
TYR 'L-peptide linking' y TYROSINE                                  ? 'C9 H11 N O3' 181.189 
# 
loop_
_pdbx_poly_seq_scheme.asym_id 
_pdbx_poly_seq_scheme.entity_id 
_pdbx_poly_seq_scheme.seq_id 
_pdbx_poly_seq_scheme.mon_id 
_pdbx_poly_seq_scheme.ndb_seq_num 
_pdbx_poly_seq_scheme.pdb_seq_num 
_pdbx_poly_seq_scheme.auth_seq_num 
_pdbx_poly_seq_scheme.pdb_mon_id 
_pdbx_poly_seq_scheme.auth_mon_id 
_pdbx_poly_seq_scheme.pdb_strand_id 
_pdbx_poly_seq_scheme.pdb_ins_code 
_pdbx_poly_seq_scheme.hetero 
A 1 1 SER 1 1 1 SER SER A . n 
A 1 2 THR 2 2 2 THR THR A . n 
A 1 3 GLY 3 3 3 GLY GLY A . n 
A 1 4 GLY 4 4 4 GLY GLY A . n 
A 1 5 TYR 5 5 5 TYR TYR A . n 
A 1 6 GLY 6 6 6 GLY GLY A . n 
B 1 1 SER 1 1 1 SER SER B . n 
B 1 2 THR 2 2 2 THR THR B . n 
B 1 3 GLY 3 3 3 GLY GLY B . n 
B 1 4 GLY 4 4 4 GLY GLY B . n 
B 1 5 TYR 5 5 5 TYR TYR B . n 
B 1 6 GLY 6 6 6 GLY GLY B . n 
# 
loop_
_pdbx_nonpoly_scheme.asym_id 
_pdbx_nonpoly_scheme.entity_id 
_pdbx_nonpoly_scheme.mon_id 
_pdbx_nonpoly_scheme.ndb_seq_num 
_pdbx_nonpoly_scheme.pdb_seq_num 
_pdbx_nonpoly_scheme.auth_seq_num 
_pdbx_nonpoly_scheme.pdb_mon_id 
_pdbx_nonpoly_scheme.auth_mon_id 
_pdbx_nonpoly_scheme.pdb_strand_id 
_pdbx_nonpoly_scheme.pdb_ins_code 
C 2 TOE 1 101 1 TOE P2K B . 
D 3 HOH 1 101 2 HOH HOH A . 
E 3 HOH 1 201 3 HOH HOH B . 
E 3 HOH 2 202 4 HOH HOH B . 
# 
loop_
_software.citation_id 
_software.classification 
_software.compiler_name 
_software.compiler_version 
_software.contact_author 
_software.contact_author_email 
_software.date 
_software.description 
_software.dependencies 
_software.hardware 
_software.language 
_software.location 
_software.mods 
_software.name 
_software.os 
_software.os_version 
_software.type 
_software.version 
_software.pdbx_ordinal 
? 'data scaling'    ? ? 'Wolfgang Kabsch' ?                                ?              ? ? ? ?   
http://www.mpimf-heidelberg.mpg.de/~kabsch/xds/html_doc/xscale_program.html ? XSCALE      ? ? package .      1 
? refinement        ? ? 'Gerard Bricogne' buster-develop@GlobalPhasing.com ?              ? ? ? ?   
http://www.globalphasing.com/buster/                                        ? BUSTER      ? ? program 2.10.3 2 
? 'data extraction' ? ? PDB               deposit@deposit.rcsb.org         'Sep. 1, 2017' ? ? ? C++ 
http://sw-tools.pdb.org/apps/PDB_EXTRACT/                                   ? PDB_EXTRACT ? ? package 3.24   3 
# 
_cell.angle_alpha                  90.000 
_cell.angle_alpha_esd              ? 
_cell.angle_beta                   90.000 
_cell.angle_beta_esd               ? 
_cell.angle_gamma                  90.000 
_cell.angle_gamma_esd              ? 
_cell.entry_id                     6BZP 
_cell.details                      ? 
_cell.formula_units_Z              ? 
_cell.length_a                     13.790 
_cell.length_a_esd                 ? 
_cell.length_b                     4.930 
_cell.length_b_esd                 ? 
_cell.length_c                     101.900 
_cell.length_c_esd                 ? 
_cell.volume                       ? 
_cell.volume_esd                   ? 
_cell.Z_PDB                        8 
_cell.reciprocal_angle_alpha       ? 
_cell.reciprocal_angle_beta        ? 
_cell.reciprocal_angle_gamma       ? 
_cell.reciprocal_angle_alpha_esd   ? 
_cell.reciprocal_angle_beta_esd    ? 
_cell.reciprocal_angle_gamma_esd   ? 
_cell.reciprocal_length_a          ? 
_cell.reciprocal_length_b          ? 
_cell.reciprocal_length_c          ? 
_cell.reciprocal_length_a_esd      ? 
_cell.reciprocal_length_b_esd      ? 
_cell.reciprocal_length_c_esd      ? 
_cell.pdbx_unique_axis             ? 
# 
_symmetry.entry_id                         6BZP 
_symmetry.cell_setting                     ? 
_symmetry.Int_Tables_number                19 
_symmetry.space_group_name_Hall            ? 
_symmetry.space_group_name_H-M             'P 21 21 21' 
_symmetry.pdbx_full_space_group_name_H-M   ? 
# 
_exptl.absorpt_coefficient_mu     ? 
_exptl.absorpt_correction_T_max   ? 
_exptl.absorpt_correction_T_min   ? 
_exptl.absorpt_correction_type    ? 
_exptl.absorpt_process_details    ? 
_exptl.entry_id                   6BZP 
_exptl.crystals_number            ? 
_exptl.details                    ? 
_exptl.method                     'ELECTRON CRYSTALLOGRAPHY' 
_exptl.method_details             ? 
# 
_exptl_crystal.colour                      ? 
_exptl_crystal.density_diffrn              ? 
_exptl_crystal.density_Matthews            1.60 
_exptl_crystal.density_method              ? 
_exptl_crystal.density_percent_sol         23.22 
_exptl_crystal.description                 ? 
_exptl_crystal.F_000                       ? 
_exptl_crystal.id                          1 
_exptl_crystal.preparation                 ? 
_exptl_crystal.size_max                    ? 
_exptl_crystal.size_mid                    ? 
_exptl_crystal.size_min                    ? 
_exptl_crystal.size_rad                    ? 
_exptl_crystal.colour_lustre               ? 
_exptl_crystal.colour_modifier             ? 
_exptl_crystal.colour_primary              ? 
_exptl_crystal.density_meas                ? 
_exptl_crystal.density_meas_esd            ? 
_exptl_crystal.density_meas_gt             ? 
_exptl_crystal.density_meas_lt             ? 
_exptl_crystal.density_meas_temp           ? 
_exptl_crystal.density_meas_temp_esd       ? 
_exptl_crystal.density_meas_temp_gt        ? 
_exptl_crystal.density_meas_temp_lt        ? 
_exptl_crystal.pdbx_crystal_image_url      ? 
_exptl_crystal.pdbx_crystal_image_format   ? 
_exptl_crystal.pdbx_mosaicity              ? 
_exptl_crystal.pdbx_mosaicity_esd          ? 
# 
_exptl_crystal_grow.apparatus       ? 
_exptl_crystal_grow.atmosphere      ? 
_exptl_crystal_grow.crystal_id      1 
_exptl_crystal_grow.details         ? 
_exptl_crystal_grow.method          'VAPOR DIFFUSION, HANGING DROP' 
_exptl_crystal_grow.method_ref      ? 
_exptl_crystal_grow.pH              4.6 
_exptl_crystal_grow.pressure        ? 
_exptl_crystal_grow.pressure_esd    ? 
_exptl_crystal_grow.seeding         ? 
_exptl_crystal_grow.seeding_ref     ? 
_exptl_crystal_grow.temp            298 
_exptl_crystal_grow.temp_details    ? 
_exptl_crystal_grow.temp_esd        ? 
_exptl_crystal_grow.time            ? 
_exptl_crystal_grow.pdbx_details    '0.1 M sodium acetate, pH 4.6, 0.15 M ammonium sulfate, 25% w/v PEG2000 MME' 
_exptl_crystal_grow.pdbx_pH_range   ? 
# 
_diffrn.ambient_environment              ? 
_diffrn.ambient_temp                     100 
_diffrn.ambient_temp_details             ? 
_diffrn.ambient_temp_esd                 ? 
_diffrn.crystal_id                       1 
_diffrn.crystal_support                  ? 
_diffrn.crystal_treatment                ? 
_diffrn.details                          ? 
_diffrn.id                               1 
_diffrn.ambient_pressure                 ? 
_diffrn.ambient_pressure_esd             ? 
_diffrn.ambient_pressure_gt              ? 
_diffrn.ambient_pressure_lt              ? 
_diffrn.ambient_temp_gt                  ? 
_diffrn.ambient_temp_lt                  ? 
_diffrn.pdbx_serial_crystal_experiment   ? 
# 
_diffrn_detector.details                      ? 
_diffrn_detector.detector                     CMOS 
_diffrn_detector.diffrn_id                    1 
_diffrn_detector.type                         'TVIPS F416 CMOS CAMERA' 
_diffrn_detector.area_resol_mean              ? 
_diffrn_detector.dtime                        ? 
_diffrn_detector.pdbx_frames_total            ? 
_diffrn_detector.pdbx_collection_time_total   ? 
_diffrn_detector.pdbx_collection_date         2015-08-18 
# 
_diffrn_radiation_wavelength.id           1 
_diffrn_radiation_wavelength.wavelength   0.0251 
_diffrn_radiation_wavelength.wt           1.0 
# 
_diffrn_source.current                     ? 
_diffrn_source.details                     ? 
_diffrn_source.diffrn_id                   1 
_diffrn_source.power                       ? 
_diffrn_source.size                        ? 
_diffrn_source.source                      'ELECTRON MICROSCOPE' 
_diffrn_source.target                      ? 
_diffrn_source.type                        'TECNAI F20 TEM' 
_diffrn_source.voltage                     ? 
_diffrn_source.take-off_angle              ? 
_diffrn_source.pdbx_wavelength_list        0.0251 
_diffrn_source.pdbx_wavelength             ? 
_diffrn_source.pdbx_synchrotron_beamline   ? 
_diffrn_source.pdbx_synchrotron_site       ? 
# 
_reflns.B_iso_Wilson_estimate            6.250 
_reflns.entry_id                         6BZP 
_reflns.data_reduction_details           ? 
_reflns.data_reduction_method            ? 
_reflns.d_resolution_high                1.100 
_reflns.d_resolution_low                 13.310 
_reflns.details                          ? 
_reflns.limit_h_max                      ? 
_reflns.limit_h_min                      ? 
_reflns.limit_k_max                      ? 
_reflns.limit_k_min                      ? 
_reflns.limit_l_max                      ? 
_reflns.limit_l_min                      ? 
_reflns.number_all                       ? 
_reflns.number_obs                       3220 
_reflns.observed_criterion               ? 
_reflns.observed_criterion_F_max         ? 
_reflns.observed_criterion_F_min         ? 
_reflns.observed_criterion_I_max         ? 
_reflns.observed_criterion_I_min         ? 
_reflns.observed_criterion_sigma_F       ? 
_reflns.observed_criterion_sigma_I       ? 
_reflns.percent_possible_obs             95.500 
_reflns.R_free_details                   ? 
_reflns.Rmerge_F_all                     ? 
_reflns.Rmerge_F_obs                     ? 
_reflns.Friedel_coverage                 ? 
_reflns.number_gt                        ? 
_reflns.threshold_expression             ? 
_reflns.pdbx_redundancy                  7.227 
_reflns.pdbx_Rmerge_I_obs                0.250 
_reflns.pdbx_Rmerge_I_all                ? 
_reflns.pdbx_Rsym_value                  ? 
_reflns.pdbx_netI_over_av_sigmaI         ? 
_reflns.pdbx_netI_over_sigmaI            4.150 
_reflns.pdbx_res_netI_over_av_sigmaI_2   ? 
_reflns.pdbx_res_netI_over_sigmaI_2      ? 
_reflns.pdbx_chi_squared                 0.754 
_reflns.pdbx_scaling_rejects             17 
_reflns.pdbx_d_res_high_opt              ? 
_reflns.pdbx_d_res_low_opt               ? 
_reflns.pdbx_d_res_opt_method            ? 
_reflns.phase_calculation_details        ? 
_reflns.pdbx_Rrim_I_all                  0.266 
_reflns.pdbx_Rpim_I_all                  ? 
_reflns.pdbx_d_opt                       ? 
_reflns.pdbx_number_measured_all         23271 
_reflns.pdbx_diffrn_id                   1 
_reflns.pdbx_ordinal                     1 
_reflns.pdbx_CC_half                     0.985 
_reflns.pdbx_R_split                     ? 
# 
loop_
_reflns_shell.d_res_high 
_reflns_shell.d_res_low 
_reflns_shell.meanI_over_sigI_all 
_reflns_shell.meanI_over_sigI_obs 
_reflns_shell.number_measured_all 
_reflns_shell.number_measured_obs 
_reflns_shell.number_possible 
_reflns_shell.number_unique_all 
_reflns_shell.number_unique_obs 
_reflns_shell.percent_possible_all 
_reflns_shell.percent_possible_obs 
_reflns_shell.Rmerge_F_all 
_reflns_shell.Rmerge_F_obs 
_reflns_shell.Rmerge_I_all 
_reflns_shell.Rmerge_I_obs 
_reflns_shell.meanI_over_sigI_gt 
_reflns_shell.meanI_over_uI_all 
_reflns_shell.meanI_over_uI_gt 
_reflns_shell.number_measured_gt 
_reflns_shell.number_unique_gt 
_reflns_shell.percent_possible_gt 
_reflns_shell.Rmerge_F_gt 
_reflns_shell.Rmerge_I_gt 
_reflns_shell.pdbx_redundancy 
_reflns_shell.pdbx_Rsym_value 
_reflns_shell.pdbx_chi_squared 
_reflns_shell.pdbx_netI_over_sigmaI_all 
_reflns_shell.pdbx_netI_over_sigmaI_obs 
_reflns_shell.pdbx_Rrim_I_all 
_reflns_shell.pdbx_Rpim_I_all 
_reflns_shell.pdbx_rejects 
_reflns_shell.pdbx_ordinal 
_reflns_shell.pdbx_diffrn_id 
_reflns_shell.pdbx_CC_half 
_reflns_shell.pdbx_R_split 
1.100 1.130  ? 1.460 ? 776  263 ? 197 74.900  ? ? ? ? 0.553 ? ? ? ? ? ? ? ? 3.939 ? ? ? ? 0.629 ? ? 1  1 0.729 ? 
1.130 1.160  ? 1.550 ? 895  224 ? 205 91.500  ? ? ? ? 0.574 ? ? ? ? ? ? ? ? 4.366 ? ? ? ? 0.644 ? ? 2  1 0.807 ? 
1.160 1.190  ? 1.760 ? 1033 238 ? 221 92.900  ? ? ? ? 0.534 ? ? ? ? ? ? ? ? 4.674 ? ? ? ? 0.596 ? ? 3  1 0.879 ? 
1.190 1.230  ? 2.370 ? 1636 242 ? 228 94.200  ? ? ? ? 0.552 ? ? ? ? ? ? ? ? 7.175 ? ? ? ? 0.590 ? ? 4  1 0.659 ? 
1.230 1.270  ? 2.280 ? 1232 195 ? 189 96.900  ? ? ? ? 0.562 ? ? ? ? ? ? ? ? 6.519 ? ? ? ? 0.605 ? ? 5  1 0.751 ? 
1.270 1.310  ? 2.760 ? 1218 184 ? 174 94.600  ? ? ? ? 0.509 ? ? ? ? ? ? ? ? 7.000 ? ? ? ? 0.544 ? ? 6  1 0.804 ? 
1.310 1.360  ? 2.740 ? 1374 188 ? 185 98.400  ? ? ? ? 0.496 ? ? ? ? ? ? ? ? 7.427 ? ? ? ? 0.529 ? ? 7  1 0.769 ? 
1.360 1.420  ? 3.090 ? 1544 199 ? 196 98.500  ? ? ? ? 0.484 ? ? ? ? ? ? ? ? 7.878 ? ? ? ? 0.519 ? ? 8  1 0.735 ? 
1.420 1.480  ? 3.570 ? 1589 185 ? 184 99.500  ? ? ? ? 0.458 ? ? ? ? ? ? ? ? 8.636 ? ? ? ? 0.486 ? ? 9  1 0.575 ? 
1.480 1.560  ? 3.870 ? 1711 197 ? 197 100.000 ? ? ? ? 0.440 ? ? ? ? ? ? ? ? 8.685 ? ? ? ? 0.467 ? ? 10 1 0.899 ? 
1.560 1.640  ? 5.130 ? 1786 191 ? 191 100.000 ? ? ? ? 0.373 ? ? ? ? ? ? ? ? 9.351 ? ? ? ? 0.393 ? ? 11 1 0.918 ? 
1.640 1.740  ? 4.840 ? 1113 146 ? 145 99.300  ? ? ? ? 0.356 ? ? ? ? ? ? ? ? 7.676 ? ? ? ? 0.380 ? ? 12 1 0.839 ? 
1.740 1.860  ? 6.190 ? 1182 145 ? 145 100.000 ? ? ? ? 0.325 ? ? ? ? ? ? ? ? 8.152 ? ? ? ? 0.344 ? ? 13 1 0.905 ? 
1.860 2.010  ? 6.540 ? 1182 145 ? 145 100.000 ? ? ? ? 0.320 ? ? ? ? ? ? ? ? 8.152 ? ? ? ? 0.340 ? ? 14 1 0.798 ? 
2.010 2.200  ? 7.560 ? 1212 139 ? 139 100.000 ? ? ? ? 0.260 ? ? ? ? ? ? ? ? 8.719 ? ? ? ? 0.277 ? ? 15 1 0.941 ? 
2.200 2.460  ? 8.230 ? 1435 152 ? 150 98.700  ? ? ? ? 0.275 ? ? ? ? ? ? ? ? 9.567 ? ? ? ? 0.291 ? ? 16 1 0.931 ? 
2.460 2.840  ? 7.030 ? 694  101 ? 99  98.000  ? ? ? ? 0.244 ? ? ? ? ? ? ? ? 7.010 ? ? ? ? 0.265 ? ? 17 1 0.974 ? 
2.840 3.480  ? 8.350 ? 718  96  ? 95  99.000  ? ? ? ? 0.200 ? ? ? ? ? ? ? ? 7.558 ? ? ? ? 0.213 ? ? 18 1 0.959 ? 
3.480 4.920  ? 9.400 ? 824  97  ? 94  96.900  ? ? ? ? 0.143 ? ? ? ? ? ? ? ? 8.766 ? ? ? ? 0.151 ? ? 19 1 0.985 ? 
4.920 13.310 ? 4.750 ? 117  45  ? 41  91.100  ? ? ? ? 0.135 ? ? ? ? ? ? ? ? 2.854 ? ? ? ? 0.162 ? ? 20 1 0.988 ? 
# 
_refine.aniso_B[1][1]                            0.9157 
_refine.aniso_B[1][2]                            0.0000 
_refine.aniso_B[1][3]                            0.0000 
_refine.aniso_B[2][2]                            -0.1121 
_refine.aniso_B[2][3]                            0.0000 
_refine.aniso_B[3][3]                            -0.8036 
_refine.B_iso_max                                36.560 
_refine.B_iso_mean                               8.0900 
_refine.B_iso_min                                4.720 
_refine.correlation_coeff_Fo_to_Fc               0.9160 
_refine.correlation_coeff_Fo_to_Fc_free          0.9200 
_refine.details                                  ? 
_refine.diff_density_max                         ? 
_refine.diff_density_max_esd                     ? 
_refine.diff_density_min                         ? 
_refine.diff_density_min_esd                     ? 
_refine.diff_density_rms                         ? 
_refine.diff_density_rms_esd                     ? 
_refine.entry_id                                 6BZP 
_refine.pdbx_refine_id                           'ELECTRON CRYSTALLOGRAPHY' 
_refine.ls_abs_structure_details                 ? 
_refine.ls_abs_structure_Flack                   ? 
_refine.ls_abs_structure_Flack_esd               ? 
_refine.ls_abs_structure_Rogers                  ? 
_refine.ls_abs_structure_Rogers_esd              ? 
_refine.ls_d_res_high                            1.1000 
_refine.ls_d_res_low                             13.3100 
_refine.ls_extinction_coef                       ? 
_refine.ls_extinction_coef_esd                   ? 
_refine.ls_extinction_expression                 ? 
_refine.ls_extinction_method                     ? 
_refine.ls_goodness_of_fit_all                   ? 
_refine.ls_goodness_of_fit_all_esd               ? 
_refine.ls_goodness_of_fit_obs                   ? 
_refine.ls_goodness_of_fit_obs_esd               ? 
_refine.ls_hydrogen_treatment                    ? 
_refine.ls_matrix_type                           ? 
_refine.ls_number_constraints                    ? 
_refine.ls_number_parameters                     ? 
_refine.ls_number_reflns_all                     ? 
_refine.ls_number_reflns_obs                     3218 
_refine.ls_number_reflns_R_free                  322 
_refine.ls_number_reflns_R_work                  ? 
_refine.ls_number_restraints                     ? 
_refine.ls_percent_reflns_obs                    95.6000 
_refine.ls_percent_reflns_R_free                 10.0100 
_refine.ls_R_factor_all                          ? 
_refine.ls_R_factor_obs                          0.2230 
_refine.ls_R_factor_R_free                       0.2550 
_refine.ls_R_factor_R_free_error                 ? 
_refine.ls_R_factor_R_free_error_details         ? 
_refine.ls_R_factor_R_work                       0.2190 
_refine.ls_R_Fsqd_factor_obs                     ? 
_refine.ls_R_I_factor_obs                        ? 
_refine.ls_redundancy_reflns_all                 ? 
_refine.ls_redundancy_reflns_obs                 ? 
_refine.ls_restrained_S_all                      ? 
_refine.ls_restrained_S_obs                      ? 
_refine.ls_shift_over_esd_max                    ? 
_refine.ls_shift_over_esd_mean                   ? 
_refine.ls_structure_factor_coef                 ? 
_refine.ls_weighting_details                     ? 
_refine.ls_weighting_scheme                      ? 
_refine.ls_wR_factor_all                         ? 
_refine.ls_wR_factor_obs                         ? 
_refine.ls_wR_factor_R_free                      ? 
_refine.ls_wR_factor_R_work                      ? 
_refine.occupancy_max                            ? 
_refine.occupancy_min                            ? 
_refine.solvent_model_details                    ? 
_refine.solvent_model_param_bsol                 ? 
_refine.solvent_model_param_ksol                 ? 
_refine.ls_R_factor_gt                           ? 
_refine.ls_goodness_of_fit_gt                    ? 
_refine.ls_goodness_of_fit_ref                   ? 
_refine.ls_shift_over_su_max                     ? 
_refine.ls_shift_over_su_max_lt                  ? 
_refine.ls_shift_over_su_mean                    ? 
_refine.ls_shift_over_su_mean_lt                 ? 
_refine.pdbx_ls_sigma_I                          ? 
_refine.pdbx_ls_sigma_F                          0.000 
_refine.pdbx_ls_sigma_Fsqd                       ? 
_refine.pdbx_data_cutoff_high_absF               ? 
_refine.pdbx_data_cutoff_high_rms_absF           ? 
_refine.pdbx_data_cutoff_low_absF                ? 
_refine.pdbx_isotropic_thermal_model             ? 
_refine.pdbx_ls_cross_valid_method               THROUGHOUT 
_refine.pdbx_method_to_determine_struct          'AB INITIO PHASING' 
_refine.pdbx_starting_model                      ? 
_refine.pdbx_stereochemistry_target_values       ? 
_refine.pdbx_R_Free_selection_details            RANDOM 
_refine.pdbx_stereochem_target_val_spec_case     ? 
_refine.pdbx_overall_ESU_R                       ? 
_refine.pdbx_overall_ESU_R_Free                  ? 
_refine.pdbx_solvent_vdw_probe_radii             ? 
_refine.pdbx_solvent_ion_probe_radii             ? 
_refine.pdbx_solvent_shrinkage_radii             ? 
_refine.pdbx_real_space_R                        ? 
_refine.pdbx_density_correlation                 ? 
_refine.pdbx_pd_number_of_powder_patterns        ? 
_refine.pdbx_pd_number_of_points                 ? 
_refine.pdbx_pd_meas_number_of_points            ? 
_refine.pdbx_pd_proc_ls_prof_R_factor            ? 
_refine.pdbx_pd_proc_ls_prof_wR_factor           ? 
_refine.pdbx_pd_Marquardt_correlation_coeff      ? 
_refine.pdbx_pd_Fsqrd_R_factor                   ? 
_refine.pdbx_pd_ls_matrix_band_width             ? 
_refine.pdbx_overall_phase_error                 ? 
_refine.pdbx_overall_SU_R_free_Cruickshank_DPI   0.0480 
_refine.pdbx_overall_SU_R_free_Blow_DPI          0.0510 
_refine.pdbx_overall_SU_R_Blow_DPI               0.0480 
_refine.pdbx_TLS_residual_ADP_flag               ? 
_refine.pdbx_diffrn_id                           1 
_refine.overall_SU_B                             ? 
_refine.overall_SU_ML                            ? 
_refine.overall_SU_R_Cruickshank_DPI             0.0450 
_refine.overall_SU_R_free                        ? 
_refine.overall_FOM_free_R_set                   ? 
_refine.overall_FOM_work_R_set                   ? 
_refine.pdbx_average_fsc_overall                 ? 
_refine.pdbx_average_fsc_work                    ? 
_refine.pdbx_average_fsc_free                    ? 
# 
_refine_analyze.entry_id                        6BZP 
_refine_analyze.pdbx_refine_id                  'ELECTRON CRYSTALLOGRAPHY' 
_refine_analyze.Luzzati_coordinate_error_free   ? 
_refine_analyze.Luzzati_coordinate_error_obs    0.220 
_refine_analyze.Luzzati_d_res_low_free          ? 
_refine_analyze.Luzzati_d_res_low_obs           ? 
_refine_analyze.Luzzati_sigma_a_free            ? 
_refine_analyze.Luzzati_sigma_a_free_details    ? 
_refine_analyze.Luzzati_sigma_a_obs             ? 
_refine_analyze.Luzzati_sigma_a_obs_details     ? 
_refine_analyze.number_disordered_residues      ? 
_refine_analyze.occupancy_sum_hydrogen          ? 
_refine_analyze.occupancy_sum_non_hydrogen      ? 
_refine_analyze.RG_d_res_high                   ? 
_refine_analyze.RG_d_res_low                    ? 
_refine_analyze.RG_free                         ? 
_refine_analyze.RG_work                         ? 
_refine_analyze.RG_free_work_ratio              ? 
_refine_analyze.pdbx_Luzzati_d_res_high_obs     ? 
# 
_refine_hist.cycle_id                         final 
_refine_hist.pdbx_refine_id                   'ELECTRON CRYSTALLOGRAPHY' 
_refine_hist.d_res_high                       1.1000 
_refine_hist.d_res_low                        13.3100 
_refine_hist.pdbx_number_atoms_ligand         11 
_refine_hist.number_atoms_solvent             3 
_refine_hist.number_atoms_total               90 
_refine_hist.pdbx_number_residues_total       12 
_refine_hist.pdbx_B_iso_mean_ligand           13.07 
_refine_hist.pdbx_B_iso_mean_solvent          20.29 
_refine_hist.pdbx_number_atoms_protein        76 
_refine_hist.pdbx_number_atoms_nucleic_acid   0 
# 
loop_
_refine_ls_restr.pdbx_refine_id 
_refine_ls_restr.criterion 
_refine_ls_restr.dev_ideal 
_refine_ls_restr.dev_ideal_target 
_refine_ls_restr.number 
_refine_ls_restr.rejects 
_refine_ls_restr.type 
_refine_ls_restr.weight 
_refine_ls_restr.pdbx_restraint_function 
'ELECTRON CRYSTALLOGRAPHY' ? ?     ? 30  ? t_dihedral_angle_d        2.000  SINUSOIDAL   
'ELECTRON CRYSTALLOGRAPHY' ? ?     ? 2   ? t_trig_c_planes           2.000  HARMONIC     
'ELECTRON CRYSTALLOGRAPHY' ? ?     ? 22  ? t_gen_planes              5.000  HARMONIC     
'ELECTRON CRYSTALLOGRAPHY' ? ?     ? 144 ? t_it                      20.000 HARMONIC     
'ELECTRON CRYSTALLOGRAPHY' ? ?     ? ?   ? t_nbd                     ?      ?            
'ELECTRON CRYSTALLOGRAPHY' ? ?     ? ?   ? t_improper_torsion        ?      ?            
'ELECTRON CRYSTALLOGRAPHY' ? ?     ? ?   ? t_pseud_angle             ?      ?            
'ELECTRON CRYSTALLOGRAPHY' ? ?     ? 8   ? t_chiral_improper_torsion 5.000  SEMIHARMONIC 
'ELECTRON CRYSTALLOGRAPHY' ? ?     ? ?   ? t_sum_occupancies         ?      ?            
'ELECTRON CRYSTALLOGRAPHY' ? ?     ? ?   ? t_utility_distance        ?      ?            
'ELECTRON CRYSTALLOGRAPHY' ? ?     ? ?   ? t_utility_angle           ?      ?            
'ELECTRON CRYSTALLOGRAPHY' ? ?     ? ?   ? t_utility_torsion         ?      ?            
'ELECTRON CRYSTALLOGRAPHY' ? ?     ? 114 ? t_ideal_dist_contact      4.000  SEMIHARMONIC 
'ELECTRON CRYSTALLOGRAPHY' ? 0.013 ? 144 ? t_bond_d                  2.000  HARMONIC     
'ELECTRON CRYSTALLOGRAPHY' ? 1.060 ? 237 ? t_angle_deg               2.000  HARMONIC     
'ELECTRON CRYSTALLOGRAPHY' ? 3.420 ? ?   ? t_omega_torsion           ?      ?            
'ELECTRON CRYSTALLOGRAPHY' ? 8.810 ? ?   ? t_other_torsion           ?      ?            
# 
_refine_ls_shell.pdbx_refine_id                   'ELECTRON CRYSTALLOGRAPHY' 
_refine_ls_shell.d_res_high                       1.1000 
_refine_ls_shell.d_res_low                        1.2300 
_refine_ls_shell.number_reflns_all                850 
_refine_ls_shell.number_reflns_obs                ? 
_refine_ls_shell.number_reflns_R_free             85 
_refine_ls_shell.number_reflns_R_work             765 
_refine_ls_shell.percent_reflns_obs               88.0000 
_refine_ls_shell.percent_reflns_R_free            10.0000 
_refine_ls_shell.R_factor_all                     0.2159 
_refine_ls_shell.R_factor_obs                     ? 
_refine_ls_shell.R_factor_R_free                  0.2545 
_refine_ls_shell.R_factor_R_free_error            0.0000 
_refine_ls_shell.R_factor_R_work                  0.2114 
_refine_ls_shell.redundancy_reflns_all            ? 
_refine_ls_shell.redundancy_reflns_obs            ? 
_refine_ls_shell.wR_factor_all                    ? 
_refine_ls_shell.wR_factor_obs                    ? 
_refine_ls_shell.wR_factor_R_free                 ? 
_refine_ls_shell.wR_factor_R_work                 ? 
_refine_ls_shell.pdbx_total_number_of_bins_used   5 
_refine_ls_shell.pdbx_phase_error                 ? 
_refine_ls_shell.pdbx_fsc_work                    ? 
_refine_ls_shell.pdbx_fsc_free                    ? 
# 
_struct.entry_id                     6BZP 
_struct.title                        'STGGYG from low-complexity domain of FUS, residues 77-82' 
_struct.pdbx_model_details           ? 
_struct.pdbx_formula_weight          ? 
_struct.pdbx_formula_weight_method   ? 
_struct.pdbx_model_type_details      ? 
_struct.pdbx_CASP_flag               N 
# 
_struct_keywords.entry_id        6BZP 
_struct_keywords.text            'Amyloid, LARKS, Reversible-amyloid, low-complexity, PROTEIN FIBRIL' 
_struct_keywords.pdbx_keywords   'PROTEIN FIBRIL' 
# 
loop_
_struct_asym.id 
_struct_asym.pdbx_blank_PDB_chainid_flag 
_struct_asym.pdbx_modified 
_struct_asym.entity_id 
_struct_asym.details 
A N N 1 ? 
B N N 1 ? 
C N N 2 ? 
D N N 3 ? 
E N N 3 ? 
# 
_struct_ref.id                         1 
_struct_ref.db_name                    UNP 
_struct_ref.db_code                    FUS_HUMAN 
_struct_ref.pdbx_db_accession          P35637 
_struct_ref.pdbx_db_isoform            ? 
_struct_ref.entity_id                  1 
_struct_ref.pdbx_seq_one_letter_code   STGGYG 
_struct_ref.pdbx_align_begin           77 
# 
loop_
_struct_ref_seq.align_id 
_struct_ref_seq.ref_id 
_struct_ref_seq.pdbx_PDB_id_code 
_struct_ref_seq.pdbx_strand_id 
_struct_ref_seq.seq_align_beg 
_struct_ref_seq.pdbx_seq_align_beg_ins_code 
_struct_ref_seq.seq_align_end 
_struct_ref_seq.pdbx_seq_align_end_ins_code 
_struct_ref_seq.pdbx_db_accession 
_struct_ref_seq.db_align_beg 
_struct_ref_seq.pdbx_db_align_beg_ins_code 
_struct_ref_seq.db_align_end 
_struct_ref_seq.pdbx_db_align_end_ins_code 
_struct_ref_seq.pdbx_auth_seq_align_beg 
_struct_ref_seq.pdbx_auth_seq_align_end 
1 1 6BZP A 1 ? 6 ? P35637 77 ? 82 ? 1 6 
2 1 6BZP B 1 ? 6 ? P35637 77 ? 82 ? 1 6 
# 
_pdbx_struct_assembly.id                   1 
_pdbx_struct_assembly.details              author_defined_assembly 
_pdbx_struct_assembly.method_details       ? 
_pdbx_struct_assembly.oligomeric_details   decameric 
_pdbx_struct_assembly.oligomeric_count     10 
# 
loop_
_pdbx_struct_assembly_gen.assembly_id 
_pdbx_struct_assembly_gen.oper_expression 
_pdbx_struct_assembly_gen.asym_id_list 
1 1 A,B,C,D,E 
1 2 A,B,C,D,E 
1 3 A,B,C,D,E 
1 4 A,B,C,D,E 
1 5 A,B,C,D,E 
# 
_pdbx_struct_assembly_auth_evidence.id                     1 
_pdbx_struct_assembly_auth_evidence.assembly_id            1 
_pdbx_struct_assembly_auth_evidence.experimental_support   none 
_pdbx_struct_assembly_auth_evidence.details                ? 
# 
loop_
_pdbx_struct_oper_list.id 
_pdbx_struct_oper_list.type 
_pdbx_struct_oper_list.name 
_pdbx_struct_oper_list.symmetry_operation 
_pdbx_struct_oper_list.matrix[1][1] 
_pdbx_struct_oper_list.matrix[1][2] 
_pdbx_struct_oper_list.matrix[1][3] 
_pdbx_struct_oper_list.vector[1] 
_pdbx_struct_oper_list.matrix[2][1] 
_pdbx_struct_oper_list.matrix[2][2] 
_pdbx_struct_oper_list.matrix[2][3] 
_pdbx_struct_oper_list.vector[2] 
_pdbx_struct_oper_list.matrix[3][1] 
_pdbx_struct_oper_list.matrix[3][2] 
_pdbx_struct_oper_list.matrix[3][3] 
_pdbx_struct_oper_list.vector[3] 
1 'identity operation'         1_555 x,y,z   1.0000000000 0.0000000000 0.0000000000 0.0000000000  0.0000000000 1.0000000000 0.0000000000 0.0000000000  0.0000000000 0.0000000000 1.0000000000 0.0000000000  
2 'crystal symmetry operation' 1_565 x,y+1,z 1.0000000000 0.0000000000 0.0000000000 -4.6766654791 0.0000000000 1.0000000000 0.0000000000 1.0586458793  0.0000000000 0.0000000000 1.0000000000 -1.1458485496 
3 'crystal symmetry operation' 1_545 x,y-1,z 1.0000000000 0.0000000000 0.0000000000 4.6766654791  0.0000000000 1.0000000000 0.0000000000 -1.0586458793 0.0000000000 0.0000000000 1.0000000000 1.1458485496  
4 'crystal symmetry operation' 1_575 x,y+2,z 1.0000000000 0.0000000000 0.0000000000 -9.3533309583 0.0000000000 1.0000000000 0.0000000000 2.1172917586  0.0000000000 0.0000000000 1.0000000000 -2.2916970992 
5 'crystal symmetry operation' 1_535 x,y-2,z 1.0000000000 0.0000000000 0.0000000000 9.3533309583  0.0000000000 1.0000000000 0.0000000000 -2.1172917586 0.0000000000 0.0000000000 1.0000000000 2.2916970992 
# 
loop_
_struct_site.id 
_struct_site.pdbx_evidence_code 
_struct_site.pdbx_auth_asym_id 
_struct_site.pdbx_auth_comp_id 
_struct_site.pdbx_auth_seq_id 
_struct_site.pdbx_auth_ins_code 
_struct_site.pdbx_num_residues 
_struct_site.details 
AC1 Software B TOE 101 ? 2 'binding site for residues TOE B 101 and TOE B 101' 
AC2 Software B TOE 101 ? 2 'binding site for residues TOE B 101 and TOE B 101' 
AC3 Software B TOE 101 ? 2 'binding site for residues TOE B 101 and TOE B 101' 
AC4 Software B TOE 101 ? 2 'binding site for residues TOE B 101 and TOE B 101' 
AC5 Software B TOE 101 ? 2 'binding site for residues TOE B 101 and TOE B 101' 
AC6 Software B TOE 101 ? 2 'binding site for residues TOE B 101 and TOE B 101' 
AC7 Software B TOE 101 ? 2 'binding site for residues TOE B 101 and TOE B 101' 
AC8 Software B TOE 101 ? 2 'binding site for residues TOE B 101 and TOE B 101' 
AC9 Software B TOE 101 ? 2 'binding site for residues TOE B 101 and TOE B 101' 
AD1 Software B TOE 101 ? 2 'binding site for residues TOE B 101 and TOE B 101' 
# 
loop_
_struct_site_gen.id 
_struct_site_gen.site_id 
_struct_site_gen.pdbx_num_res 
_struct_site_gen.label_comp_id 
_struct_site_gen.label_asym_id 
_struct_site_gen.label_seq_id 
_struct_site_gen.pdbx_auth_ins_code 
_struct_site_gen.auth_comp_id 
_struct_site_gen.auth_asym_id 
_struct_site_gen.auth_seq_id 
_struct_site_gen.label_atom_id 
_struct_site_gen.label_alt_id 
_struct_site_gen.symmetry 
_struct_site_gen.details 
1  AC1 2 GLY B 3 ? GLY B 3 . ? 1_555 ? 
2  AC1 2 GLY B 4 ? GLY B 4 . ? 1_555 ? 
3  AC2 2 GLY B 3 ? GLY B 3 . ? 1_555 ? 
4  AC2 2 GLY B 4 ? GLY B 4 . ? 1_555 ? 
5  AC3 2 GLY B 3 ? GLY B 3 . ? 1_555 ? 
6  AC3 2 GLY B 4 ? GLY B 4 . ? 1_555 ? 
7  AC4 2 GLY B 3 ? GLY B 3 . ? 1_555 ? 
8  AC4 2 GLY B 4 ? GLY B 4 . ? 1_555 ? 
9  AC5 2 GLY B 3 ? GLY B 3 . ? 1_555 ? 
10 AC5 2 GLY B 4 ? GLY B 4 . ? 1_555 ? 
11 AC6 2 GLY B 3 ? GLY B 3 . ? 1_555 ? 
12 AC6 2 GLY B 4 ? GLY B 4 . ? 1_555 ? 
13 AC7 2 GLY B 3 ? GLY B 3 . ? 1_555 ? 
14 AC7 2 GLY B 4 ? GLY B 4 . ? 1_555 ? 
15 AC8 2 GLY B 3 ? GLY B 3 . ? 1_555 ? 
16 AC8 2 GLY B 4 ? GLY B 4 . ? 1_555 ? 
17 AC9 2 GLY B 3 ? GLY B 3 . ? 1_555 ? 
18 AC9 2 GLY B 4 ? GLY B 4 . ? 1_555 ? 
19 AD1 2 GLY B 3 ? GLY B 3 . ? 1_555 ? 
20 AD1 2 GLY B 4 ? GLY B 4 . ? 1_555 ? 
# 
loop_
_pdbx_refine_tls.pdbx_refine_id 
_pdbx_refine_tls.id 
_pdbx_refine_tls.details 
_pdbx_refine_tls.method 
_pdbx_refine_tls.origin_x 
_pdbx_refine_tls.origin_y 
_pdbx_refine_tls.origin_z 
_pdbx_refine_tls.T[1][1] 
_pdbx_refine_tls.T[2][2] 
_pdbx_refine_tls.T[3][3] 
_pdbx_refine_tls.T[1][2] 
_pdbx_refine_tls.T[1][3] 
_pdbx_refine_tls.T[2][3] 
_pdbx_refine_tls.L[1][1] 
_pdbx_refine_tls.L[2][2] 
_pdbx_refine_tls.L[3][3] 
_pdbx_refine_tls.L[1][2] 
_pdbx_refine_tls.L[1][3] 
_pdbx_refine_tls.L[2][3] 
_pdbx_refine_tls.S[1][1] 
_pdbx_refine_tls.S[2][2] 
_pdbx_refine_tls.S[3][3] 
_pdbx_refine_tls.S[1][2] 
_pdbx_refine_tls.S[1][3] 
_pdbx_refine_tls.S[2][3] 
_pdbx_refine_tls.S[2][1] 
_pdbx_refine_tls.S[3][1] 
_pdbx_refine_tls.S[3][2] 
'ELECTRON CRYSTALLOGRAPHY' 1 ? refined -0.2635 2.4589  -4.6344 -0.0380 0.0460 -0.0142 0.0051 0.0044  0.0333 0.4378 -0.0038 0.1457 -0.2628 0.0300 0.0296 -0.0093 0.0079 0.0014 0.0242  0.0161  -0.0186 0.0141  0.0001 -0.0028 
'ELECTRON CRYSTALLOGRAPHY' 2 ? refined 0.0075  -3.8017 5.3036  -0.0591 0.0553 0.0008  0.0359 -0.0026 0.0465 0.3241 -0.0946 0.0999 0.1077  0.0037 0.1788 -0.0154 0.0130 0.0024 -0.0440 -0.0105 0.0002  -0.0275 0.0057 -0.0053 
# 
loop_
_pdbx_refine_tls_group.pdbx_refine_id 
_pdbx_refine_tls_group.id 
_pdbx_refine_tls_group.refine_tls_id 
_pdbx_refine_tls_group.beg_auth_asym_id 
_pdbx_refine_tls_group.beg_auth_seq_id 
_pdbx_refine_tls_group.end_auth_asym_id 
_pdbx_refine_tls_group.end_auth_seq_id 
_pdbx_refine_tls_group.selection_details 
_pdbx_refine_tls_group.beg_label_asym_id 
_pdbx_refine_tls_group.beg_label_seq_id 
_pdbx_refine_tls_group.end_label_asym_id 
_pdbx_refine_tls_group.end_label_seq_id 
_pdbx_refine_tls_group.selection 
'ELECTRON CRYSTALLOGRAPHY' 1 1 A 1 A 6 '{A|1 - 6}' ? ? ? ? ? 
'ELECTRON CRYSTALLOGRAPHY' 2 2 B 1 B 6 '{B|1 - 6}' ? ? ? ? ? 
# 
_em_3d_fitting.entry_id          6BZP 
_em_3d_fitting.id                1 
_em_3d_fitting.details           ? 
_em_3d_fitting.overall_b_value   8.09 
_em_3d_fitting.ref_protocol      OTHER 
_em_3d_fitting.ref_space         RECIPROCAL 
_em_3d_fitting.target_criteria   'maximum liklihood' 
_em_3d_fitting.method            ? 
# 
_em_3d_reconstruction.entry_id                    6BZP 
_em_3d_reconstruction.id                          1 
_em_3d_reconstruction.algorithm                   ? 
_em_3d_reconstruction.details                     
;Density map was obtained using measured diffration intensities and phases acquired from a crystallographic direct methods program, SHELXD.
;
_em_3d_reconstruction.refinement_type             ? 
_em_3d_reconstruction.image_processing_id         1 
_em_3d_reconstruction.num_class_averages          ? 
_em_3d_reconstruction.num_particles               ? 
_em_3d_reconstruction.resolution                  1.1 
_em_3d_reconstruction.resolution_method           'DIFFRACTION PATTERN/LAYERLINES' 
_em_3d_reconstruction.symmetry_type               '3D CRYSTAL' 
_em_3d_reconstruction.method                      ? 
_em_3d_reconstruction.nominal_pixel_size          ? 
_em_3d_reconstruction.actual_pixel_size           ? 
_em_3d_reconstruction.magnification_calibration   ? 
# 
_em_buffer.id            1 
_em_buffer.details       ? 
_em_buffer.pH            4.6 
_em_buffer.specimen_id   1 
_em_buffer.name          ? 
# 
_em_entity_assembly.id                   1 
_em_entity_assembly.parent_id            0 
_em_entity_assembly.details              ? 
_em_entity_assembly.name                 'A fibril composed of a 6-residue segment of FUS' 
_em_entity_assembly.source               NATURAL 
_em_entity_assembly.type                 COMPLEX 
_em_entity_assembly.entity_id_list       1 
_em_entity_assembly.synonym              ? 
_em_entity_assembly.oligomeric_details   ? 
# 
_em_image_scans.entry_id                6BZP 
_em_image_scans.id                      1 
_em_image_scans.dimension_height        4096 
_em_image_scans.dimension_width         4096 
_em_image_scans.frames_per_image        ? 
_em_image_scans.image_recording_id      1 
_em_image_scans.sampling_size           15.6 
_em_image_scans.scanner_model           ? 
_em_image_scans.used_frames_per_image   ? 
_em_image_scans.citation_id             ? 
_em_image_scans.number_digital_images   ? 
_em_image_scans.od_range                ? 
_em_image_scans.quant_bit_size          ? 
_em_image_scans.details                 ? 
# 
_em_imaging.id                              1 
_em_imaging.entry_id                        6BZP 
_em_imaging.accelerating_voltage            200 
_em_imaging.alignment_procedure             BASIC 
_em_imaging.c2_aperture_diameter            ? 
_em_imaging.calibrated_defocus_max          ? 
_em_imaging.calibrated_defocus_min          ? 
_em_imaging.calibrated_magnification        ? 
_em_imaging.cryogen                         NITROGEN 
_em_imaging.details                         ? 
_em_imaging.electron_source                 'FIELD EMISSION GUN' 
_em_imaging.illumination_mode               'FLOOD BEAM' 
_em_imaging.microscope_model                'FEI TECNAI F20' 
_em_imaging.mode                            DIFFRACTION 
_em_imaging.nominal_cs                      ? 
_em_imaging.nominal_defocus_max             ? 
_em_imaging.nominal_defocus_min             ? 
_em_imaging.nominal_magnification           ? 
_em_imaging.recording_temperature_maximum   100 
_em_imaging.recording_temperature_minimum   100 
_em_imaging.residual_tilt                   ? 
_em_imaging.specimen_holder_model           'GATAN 626 SINGLE TILT LIQUID NITROGEN CRYO TRANSFER HOLDER' 
_em_imaging.specimen_id                     1 
_em_imaging.citation_id                     ? 
_em_imaging.date                            ? 
_em_imaging.temperature                     ? 
_em_imaging.tilt_angle_min                  ? 
_em_imaging.tilt_angle_max                  ? 
_em_imaging.astigmatism                     ? 
_em_imaging.detector_distance               ? 
_em_imaging.electron_beam_tilt_params       ? 
_em_imaging.specimen_holder_type            ? 
# 
_em_sample_support.id               1 
_em_sample_support.specimen_id      1 
_em_sample_support.details          ? 
_em_sample_support.grid_material    COPPER 
_em_sample_support.grid_mesh_size   300 
_em_sample_support.grid_type        'Quantifoil R2/2' 
_em_sample_support.method           ? 
_em_sample_support.film_material    ? 
# 
_em_vitrification.id                    1 
_em_vitrification.specimen_id           1 
_em_vitrification.chamber_temperature   ? 
_em_vitrification.cryogen_name          ETHANE 
_em_vitrification.details               ? 
_em_vitrification.humidity              ? 
_em_vitrification.instrument            'FEI VITROBOT MARK IV' 
_em_vitrification.entry_id              6BZP 
_em_vitrification.citation_id           ? 
_em_vitrification.method                ? 
_em_vitrification.temp                  ? 
_em_vitrification.time_resolved_state   ? 
# 
_em_experiment.entry_id                6BZP 
_em_experiment.id                      1 
_em_experiment.aggregation_state       '3D ARRAY' 
_em_experiment.reconstruction_method   CRYSTALLOGRAPHY 
_em_experiment.entity_assembly_id      1 
# 
loop_
_chem_comp_atom.comp_id 
_chem_comp_atom.atom_id 
_chem_comp_atom.type_symbol 
_chem_comp_atom.pdbx_aromatic_flag 
_chem_comp_atom.pdbx_stereo_config 
_chem_comp_atom.pdbx_ordinal 
GLY N     N N N 1  
GLY CA    C N N 2  
GLY C     C N N 3  
GLY O     O N N 4  
GLY OXT   O N N 5  
GLY H     H N N 6  
GLY H2    H N N 7  
GLY HA2   H N N 8  
GLY HA3   H N N 9  
GLY HXT   H N N 10 
HOH O     O N N 11 
HOH H1    H N N 12 
HOH H2    H N N 13 
SER N     N N N 14 
SER CA    C N S 15 
SER C     C N N 16 
SER O     O N N 17 
SER CB    C N N 18 
SER OG    O N N 19 
SER OXT   O N N 20 
SER H     H N N 21 
SER H2    H N N 22 
SER HA    H N N 23 
SER HB2   H N N 24 
SER HB3   H N N 25 
SER HG    H N N 26 
SER HXT   H N N 27 
THR N     N N N 28 
THR CA    C N S 29 
THR C     C N N 30 
THR O     O N N 31 
THR CB    C N R 32 
THR OG1   O N N 33 
THR CG2   C N N 34 
THR OXT   O N N 35 
THR H     H N N 36 
THR H2    H N N 37 
THR HA    H N N 38 
THR HB    H N N 39 
THR HG1   H N N 40 
THR HG21  H N N 41 
THR HG22  H N N 42 
THR HG23  H N N 43 
THR HXT   H N N 44 
TOE "O2'" O N N 45 
TOE "CA'" C N N 46 
TOE "CB'" C N N 47 
TOE "OC'" O N N 48 
TOE "CD'" C N N 49 
TOE "CE'" C N N 50 
TOE "OF'" O N N 51 
TOE "CG'" C N N 52 
TOE "CH'" C N N 53 
TOE "OI'" O N N 54 
TOE "CK'" C N N 55 
TOE H1    H N N 56 
TOE H2    H N N 57 
TOE H3    H N N 58 
TOE H4    H N N 59 
TOE H5    H N N 60 
TOE H6    H N N 61 
TOE H7    H N N 62 
TOE H8    H N N 63 
TOE H9    H N N 64 
TOE H10   H N N 65 
TOE H11   H N N 66 
TOE H12   H N N 67 
TOE H13   H N N 68 
TOE H14   H N N 69 
TOE H15   H N N 70 
TOE H16   H N N 71 
TYR N     N N N 72 
TYR CA    C N S 73 
TYR C     C N N 74 
TYR O     O N N 75 
TYR CB    C N N 76 
TYR CG    C Y N 77 
TYR CD1   C Y N 78 
TYR CD2   C Y N 79 
TYR CE1   C Y N 80 
TYR CE2   C Y N 81 
TYR CZ    C Y N 82 
TYR OH    O N N 83 
TYR OXT   O N N 84 
TYR H     H N N 85 
TYR H2    H N N 86 
TYR HA    H N N 87 
TYR HB2   H N N 88 
TYR HB3   H N N 89 
TYR HD1   H N N 90 
TYR HD2   H N N 91 
TYR HE1   H N N 92 
TYR HE2   H N N 93 
TYR HH    H N N 94 
TYR HXT   H N N 95 
# 
loop_
_chem_comp_bond.comp_id 
_chem_comp_bond.atom_id_1 
_chem_comp_bond.atom_id_2 
_chem_comp_bond.value_order 
_chem_comp_bond.pdbx_aromatic_flag 
_chem_comp_bond.pdbx_stereo_config 
_chem_comp_bond.pdbx_ordinal 
GLY N     CA    sing N N 1  
GLY N     H     sing N N 2  
GLY N     H2    sing N N 3  
GLY CA    C     sing N N 4  
GLY CA    HA2   sing N N 5  
GLY CA    HA3   sing N N 6  
GLY C     O     doub N N 7  
GLY C     OXT   sing N N 8  
GLY OXT   HXT   sing N N 9  
HOH O     H1    sing N N 10 
HOH O     H2    sing N N 11 
SER N     CA    sing N N 12 
SER N     H     sing N N 13 
SER N     H2    sing N N 14 
SER CA    C     sing N N 15 
SER CA    CB    sing N N 16 
SER CA    HA    sing N N 17 
SER C     O     doub N N 18 
SER C     OXT   sing N N 19 
SER CB    OG    sing N N 20 
SER CB    HB2   sing N N 21 
SER CB    HB3   sing N N 22 
SER OG    HG    sing N N 23 
SER OXT   HXT   sing N N 24 
THR N     CA    sing N N 25 
THR N     H     sing N N 26 
THR N     H2    sing N N 27 
THR CA    C     sing N N 28 
THR CA    CB    sing N N 29 
THR CA    HA    sing N N 30 
THR C     O     doub N N 31 
THR C     OXT   sing N N 32 
THR CB    OG1   sing N N 33 
THR CB    CG2   sing N N 34 
THR CB    HB    sing N N 35 
THR OG1   HG1   sing N N 36 
THR CG2   HG21  sing N N 37 
THR CG2   HG22  sing N N 38 
THR CG2   HG23  sing N N 39 
THR OXT   HXT   sing N N 40 
TOE "CK'" "OI'" sing N N 41 
TOE "OI'" "CH'" sing N N 42 
TOE "CH'" "CG'" sing N N 43 
TOE "CG'" "OF'" sing N N 44 
TOE "CE'" "OF'" sing N N 45 
TOE "CE'" "CD'" sing N N 46 
TOE "CA'" "O2'" sing N N 47 
TOE "CA'" "CB'" sing N N 48 
TOE "OC'" "CB'" sing N N 49 
TOE "OC'" "CD'" sing N N 50 
TOE "O2'" H1    sing N N 51 
TOE "CA'" H2    sing N N 52 
TOE "CA'" H3    sing N N 53 
TOE "CB'" H4    sing N N 54 
TOE "CB'" H5    sing N N 55 
TOE "CD'" H6    sing N N 56 
TOE "CD'" H7    sing N N 57 
TOE "CE'" H8    sing N N 58 
TOE "CE'" H9    sing N N 59 
TOE "CG'" H10   sing N N 60 
TOE "CG'" H11   sing N N 61 
TOE "CH'" H12   sing N N 62 
TOE "CH'" H13   sing N N 63 
TOE "CK'" H14   sing N N 64 
TOE "CK'" H15   sing N N 65 
TOE "CK'" H16   sing N N 66 
TYR N     CA    sing N N 67 
TYR N     H     sing N N 68 
TYR N     H2    sing N N 69 
TYR CA    C     sing N N 70 
TYR CA    CB    sing N N 71 
TYR CA    HA    sing N N 72 
TYR C     O     doub N N 73 
TYR C     OXT   sing N N 74 
TYR CB    CG    sing N N 75 
TYR CB    HB2   sing N N 76 
TYR CB    HB3   sing N N 77 
TYR CG    CD1   doub Y N 78 
TYR CG    CD2   sing Y N 79 
TYR CD1   CE1   sing Y N 80 
TYR CD1   HD1   sing N N 81 
TYR CD2   CE2   doub Y N 82 
TYR CD2   HD2   sing N N 83 
TYR CE1   CZ    doub Y N 84 
TYR CE1   HE1   sing N N 85 
TYR CE2   CZ    sing Y N 86 
TYR CE2   HE2   sing N N 87 
TYR CZ    OH    sing N N 88 
TYR OH    HH    sing N N 89 
TYR OXT   HXT   sing N N 90 
# 
_em_3d_crystal_entity.id                    1 
_em_3d_crystal_entity.image_processing_id   1 
_em_3d_crystal_entity.angle_alpha           90 
_em_3d_crystal_entity.angle_beta            90 
_em_3d_crystal_entity.angle_gamma           90 
_em_3d_crystal_entity.length_a              13.79 
_em_3d_crystal_entity.length_b              4.93 
_em_3d_crystal_entity.length_c              101.9 
_em_3d_crystal_entity.space_group_name      'P 212121' 
_em_3d_crystal_entity.space_group_num       19 
# 
loop_
_em_buffer_component.buffer_id 
_em_buffer_component.id 
_em_buffer_component.concentration 
_em_buffer_component.concentration_units 
_em_buffer_component.formula 
_em_buffer_component.name 
1 1 0.1  M       C2H3NaO2    'sodium acetate'   
1 2 0.15 M       '(NH4)2SO4' 'ammonium sulfate' 
1 3 25   '(w/v)' ?           'PEG 2000 MME'     
# 
_em_crystal_formation.id                    1 
_em_crystal_formation.specimen_id           1 
_em_crystal_formation.atmosphere            'air, sealed chaomder, in equilibrium with reservoir solutionq' 
_em_crystal_formation.details               
;1 microliter of a 150 mg/mL peptide solution of STGGYG in water was mixed with 1 microliter of reservoir solution.  The tray was incubated at room temperature and crystals grew within a week.
;
_em_crystal_formation.instrument            '24-well plate' 
_em_crystal_formation.lipid_mixture         none 
_em_crystal_formation.lipid_protein_ratio   ? 
_em_crystal_formation.temperature           298 
_em_crystal_formation.time                  1 
_em_crystal_formation.time_unit             DAY 
# 
_em_ctf_correction.id                       1 
_em_ctf_correction.em_image_processing_id   1 
_em_ctf_correction.type                     NONE 
_em_ctf_correction.details                  ? 
# 
_em_diffraction.id                1 
_em_diffraction.camera_length     1350 
_em_diffraction.imaging_id        1 
_em_diffraction.tilt_angle_list   ? 
# 
loop_
_em_diffraction_shell.id 
_em_diffraction_shell.em_diffraction_stats_id 
_em_diffraction_shell.fourier_space_coverage 
_em_diffraction_shell.high_resolution 
_em_diffraction_shell.low_resolution 
_em_diffraction_shell.multiplicity 
_em_diffraction_shell.num_structure_factors 
_em_diffraction_shell.phase_residual 
1 1 99.2 1.3861 12.778 8.3 1742 37.98 
2 1 91.6 1.1004 1.3861 5.9 1476 32.15 
# 
_em_diffraction_stats.id                               1 
_em_diffraction_stats.details                          
;Phase statistics are not applicable.  No imaging was used.  THe phases were obtained by a crystalloghraphic direct methods program, SHELXD.
;
_em_diffraction_stats.image_processing_id              1 
_em_diffraction_stats.fourier_space_coverage           0.955 
_em_diffraction_stats.high_resolution                  1.1 
_em_diffraction_stats.num_intensities_measured         23271 
_em_diffraction_stats.num_structure_factors            3220 
_em_diffraction_stats.overall_phase_error              35.3 
_em_diffraction_stats.overall_phase_residual           0.1 
_em_diffraction_stats.phase_error_rejection_criteria   0 
_em_diffraction_stats.r_merge                          0.266 
_em_diffraction_stats.r_sym                            0.25 
# 
_em_entity_assembly_molwt.entity_assembly_id   1 
_em_entity_assembly_molwt.id                   1 
_em_entity_assembly_molwt.experimental_flag    NO 
_em_entity_assembly_molwt.units                ? 
_em_entity_assembly_molwt.value                ? 
# 
_em_entity_assembly_naturalsource.id                   1 
_em_entity_assembly_naturalsource.entity_assembly_id   1 
_em_entity_assembly_naturalsource.cell                 ? 
_em_entity_assembly_naturalsource.cellular_location    ? 
_em_entity_assembly_naturalsource.ncbi_tax_id          9606 
_em_entity_assembly_naturalsource.organ                ? 
_em_entity_assembly_naturalsource.organelle            ? 
_em_entity_assembly_naturalsource.organism             'Homo sapiens' 
_em_entity_assembly_naturalsource.strain               ? 
_em_entity_assembly_naturalsource.tissue               ? 
# 
_em_image_processing.id                   1 
_em_image_processing.image_recording_id   1 
_em_image_processing.details              ? 
# 
_em_image_recording.id                            1 
_em_image_recording.imaging_id                    1 
_em_image_recording.avg_electron_dose_per_image   0.01 
_em_image_recording.average_exposure_time         2 
_em_image_recording.details                       'The detector was operated in rolling shutter with 2x2 pixel binning.' 
_em_image_recording.detector_mode                 ? 
_em_image_recording.film_or_detector_model        'TVIPS TEMCAM-F416 (4k x 4k)' 
_em_image_recording.num_diffraction_images        ? 
_em_image_recording.num_grids_imaged              2 
_em_image_recording.num_real_images               ? 
# 
loop_
_em_software.id 
_em_software.category 
_em_software.details 
_em_software.name 
_em_software.version 
_em_software.image_processing_id 
_em_software.fitting_id 
_em_software.imaging_id 
1  'IMAGE ACQUISITION'             ?                EM-Menu ?      ? ? 1 
2  MASKING                         ?                ?       ?      ? ? ? 
3  'CTF CORRECTION'                ?                ?       ?      1 ? ? 
4  'LAYERLINE INDEXING'            ?                ?       ?      ? ? ? 
5  'DIFFRACTION INDEXING'          ?                ?       ?      ? ? ? 
6  'MODEL FITTING'                 ?                Coot    0.8.2  ? 1 ? 
7  OTHER                           ?                ?       ?      ? ? ? 
8  'MOLECULAR REPLACEMENT'         ?                ?       ?      1 ? ? 
9  'LATTICE DISTORTION CORRECTION' ?                ?       ?      1 ? ? 
10 'SYMMETRY DETERMINATION'        ?                ?       ?      1 ? ? 
11 'CRYSTALLOGRAPHY MERGING'       ?                ?       ?      1 ? ? 
12 RECONSTRUCTION                  'direct methods' SHELXD  2013/2 1 ? ? 
13 'MODEL REFINEMENT'              ?                BUSTER  2.10.3 ? 1 ? 
# 
_em_specimen.id                      1 
_em_specimen.experiment_id           1 
_em_specimen.concentration           150 
_em_specimen.details                 crystal 
_em_specimen.embedding_applied       NO 
_em_specimen.shadowing_applied       NO 
_em_specimen.staining_applied        NO 
_em_specimen.vitrification_applied   YES 
# 
loop_
_pdbx_audit_support.funding_organization 
_pdbx_audit_support.country 
_pdbx_audit_support.grant_number 
_pdbx_audit_support.ordinal 
'Howard Hughes Medical Institute (HHMI)'               'United States' ?           1 
'National Institutes of Health/Office of the Director' 'United States' AG-04182    2 
'National Science Foundation (NSF, United States)'     'United States' MCB-0958111 3 
# 
_atom_sites.entry_id                    6BZP 
_atom_sites.fract_transf_matrix[1][1]   0.00765747 
_atom_sites.fract_transf_matrix[1][2]   0.06578780 
_atom_sites.fract_transf_matrix[1][3]   0.02952794 
_atom_sites.fract_transf_matrix[2][1]   -0.19241680 
_atom_sites.fract_transf_matrix[2][2]   0.04355694 
_atom_sites.fract_transf_matrix[2][3]   -0.04714481 
_atom_sites.fract_transf_matrix[3][1]   -0.00292749 
_atom_sites.fract_transf_matrix[3][2]   -0.00354997 
_atom_sites.fract_transf_matrix[3][3]   0.00866846 
_atom_sites.fract_transf_vector[1]      0.164043 
_atom_sites.fract_transf_vector[2]      0.460430 
_atom_sites.fract_transf_vector[3]      0.093136 
# 
loop_
_atom_type.symbol 
C 
H 
N 
O 
# 
loop_
_atom_site.group_PDB 
_atom_site.id 
_atom_site.type_symbol 
_atom_site.label_atom_id 
_atom_site.label_alt_id 
_atom_site.label_comp_id 
_atom_site.label_asym_id 
_atom_site.label_entity_id 
_atom_site.label_seq_id 
_atom_site.pdbx_PDB_ins_code 
_atom_site.Cartn_x 
_atom_site.Cartn_y 
_atom_site.Cartn_z 
_atom_site.occupancy 
_atom_site.B_iso_or_equiv 
_atom_site.pdbx_formal_charge 
_atom_site.auth_seq_id 
_atom_site.auth_comp_id 
_atom_site.auth_asym_id 
_atom_site.auth_atom_id 
_atom_site.pdbx_PDB_model_num 
ATOM   1   N N     . SER A 1 1 ? 0.717  6.026   -13.470 1.00 7.40  ? 1   SER A N     1 
ATOM   2   C CA    . SER A 1 1 ? 1.233  5.176   -12.385 1.00 5.35  ? 1   SER A CA    1 
ATOM   3   C C     . SER A 1 1 ? 0.165  4.176   -11.884 1.00 7.21  ? 1   SER A C     1 
ATOM   4   O O     . SER A 1 1 ? -1.032 4.414   -12.099 1.00 5.50  ? 1   SER A O     1 
ATOM   5   C CB    . SER A 1 1 ? 1.831  6.029   -11.264 1.00 6.70  ? 1   SER A CB    1 
ATOM   6   O OG    . SER A 1 1 ? 3.100  6.516   -11.665 1.00 9.82  ? 1   SER A OG    1 
ATOM   7   H HA    . SER A 1 1 ? 2.054  4.591   -12.801 1.00 5.97  ? 1   SER A HA    1 
ATOM   8   H HB2   . SER A 1 1 ? 1.197  6.882   -11.034 1.00 5.37  ? 1   SER A HB2   1 
ATOM   9   H HB3   . SER A 1 1 ? 1.960  5.400   -10.383 1.00 6.33  ? 1   SER A HB3   1 
ATOM   10  H HG    . SER A 1 1 ? 3.074  6.892   -12.584 0.00 8.26  ? 1   SER A HG    1 
ATOM   11  N N     . THR A 1 2 ? 0.580  3.063   -11.243 1.00 5.76  ? 2   THR A N     1 
ATOM   12  C CA    . THR A 1 2 ? -0.319 1.976   -10.831 1.00 5.84  ? 2   THR A CA    1 
ATOM   13  C C     . THR A 1 2 ? -0.103 1.574   -9.361  1.00 4.78  ? 2   THR A C     1 
ATOM   14  O O     . THR A 1 2 ? 1.026  1.292   -8.963  1.00 5.74  ? 2   THR A O     1 
ATOM   15  C CB    . THR A 1 2 ? -0.061 0.772   -11.790 1.00 8.53  ? 2   THR A CB    1 
ATOM   16  O OG1   . THR A 1 2 ? -0.329 1.194   -13.135 1.00 9.59  ? 2   THR A OG1   1 
ATOM   17  C CG2   . THR A 1 2 ? -0.877 -0.502  -11.425 1.00 10.50 ? 2   THR A CG2   1 
ATOM   18  H H     . THR A 1 2 ? 1.543  2.889   -10.969 1.00 5.85  ? 2   THR A H     1 
ATOM   19  H HA    . THR A 1 2 ? -1.357 2.275   -10.962 1.00 11.09 ? 2   THR A HA    1 
ATOM   20  H HB    . THR A 1 2 ? 0.993  0.503   -11.723 1.00 7.39  ? 2   THR A HB    1 
ATOM   21  H HG1   . THR A 1 2 ? -0.651 0.438   -13.692 0.00 9.26  ? 2   THR A HG1   1 
ATOM   22  H HG21  . THR A 1 2 ? -0.654 -0.840  -10.413 1.00 10.39 ? 2   THR A HG21  1 
ATOM   23  H HG22  . THR A 1 2 ? -0.621 -1.309  -12.110 1.00 11.56 ? 2   THR A HG22  1 
ATOM   24  H HG23  . THR A 1 2 ? -1.944 -0.299  -11.506 1.00 12.92 ? 2   THR A HG23  1 
ATOM   25  N N     . GLY A 1 3 ? -1.197 1.457   -8.604  1.00 4.73  ? 3   GLY A N     1 
ATOM   26  C CA    . GLY A 1 3 ? -1.135 1.007   -7.220  1.00 5.36  ? 3   GLY A CA    1 
ATOM   27  C C     . GLY A 1 3 ? -0.357 1.892   -6.259  1.00 5.84  ? 3   GLY A C     1 
ATOM   28  O O     . GLY A 1 3 ? -0.322 3.112   -6.406  1.00 8.37  ? 3   GLY A O     1 
ATOM   29  H H     . GLY A 1 3 ? -2.142 1.655   -8.918  1.00 5.30  ? 3   GLY A H     1 
ATOM   30  H HA2   . GLY A 1 3 ? -2.141 0.879   -6.823  1.00 6.83  ? 3   GLY A HA2   1 
ATOM   31  H HA3   . GLY A 1 3 ? -0.650 0.034   -7.217  1.00 5.14  ? 3   GLY A HA3   1 
ATOM   32  N N     . GLY A 1 4 ? 0.113  1.273   -5.182  1.00 6.22  ? 4   GLY A N     1 
ATOM   33  C CA    . GLY A 1 4 ? 0.835  1.938   -4.093  1.00 5.50  ? 4   GLY A CA    1 
ATOM   34  C C     . GLY A 1 4 ? -0.043 2.065   -2.839  1.00 6.71  ? 4   GLY A C     1 
ATOM   35  O O     . GLY A 1 4 ? -1.264 2.226   -2.949  1.00 9.02  ? 4   GLY A O     1 
ATOM   36  H H     . GLY A 1 4 ? -0.040 0.285   -5.004  1.00 5.82  ? 4   GLY A H     1 
ATOM   37  H HA2   . GLY A 1 4 ? 1.720  1.358   -3.838  1.00 4.93  ? 4   GLY A HA2   1 
ATOM   38  H HA3   . GLY A 1 4 ? 1.158  2.931   -4.397  1.00 8.73  ? 4   GLY A HA3   1 
ATOM   39  N N     . TYR A 1 5 ? 0.562  2.013   -1.632  1.00 4.94  ? 5   TYR A N     1 
ATOM   40  C CA    . TYR A 1 5 ? -0.155 2.147   -0.340  1.00 5.42  ? 5   TYR A CA    1 
ATOM   41  C C     . TYR A 1 5 ? 0.409  3.396   0.405   1.00 8.34  ? 5   TYR A C     1 
ATOM   42  O O     . TYR A 1 5 ? 1.608  3.430   0.657   1.00 9.56  ? 5   TYR A O     1 
ATOM   43  C CB    . TYR A 1 5 ? 0.021  0.859   0.515   1.00 6.00  ? 5   TYR A CB    1 
ATOM   44  C CG    . TYR A 1 5 ? -0.830 0.823   1.778   1.00 6.14  ? 5   TYR A CG    1 
ATOM   45  C CD1   . TYR A 1 5 ? -0.428 1.487   2.937   1.00 6.54  ? 5   TYR A CD1   1 
ATOM   46  C CD2   . TYR A 1 5 ? -2.028 0.110   1.821   1.00 7.74  ? 5   TYR A CD2   1 
ATOM   47  C CE1   . TYR A 1 5 ? -1.222 1.483   4.088   1.00 7.73  ? 5   TYR A CE1   1 
ATOM   48  C CE2   . TYR A 1 5 ? -2.845 0.130   2.953   1.00 6.57  ? 5   TYR A CE2   1 
ATOM   49  C CZ    . TYR A 1 5 ? -2.442 0.826   4.086   1.00 7.28  ? 5   TYR A CZ    1 
ATOM   50  O OH    . TYR A 1 5 ? -3.189 0.820   5.244   1.00 5.62  ? 5   TYR A OH    1 
ATOM   51  H H     . TYR A 1 5 ? 1.563  1.882   -1.527  1.00 4.74  ? 5   TYR A H     1 
ATOM   52  H HA    . TYR A 1 5 ? -1.224 2.292   -0.487  1.00 6.89  ? 5   TYR A HA    1 
ATOM   53  H HB2   . TYR A 1 5 ? -0.260 -0.005  -0.086  1.00 7.16  ? 5   TYR A HB2   1 
ATOM   54  H HB3   . TYR A 1 5 ? 1.068  0.779   0.804   1.00 6.66  ? 5   TYR A HB3   1 
ATOM   55  H HD1   . TYR A 1 5 ? 0.499  2.057   2.922   1.00 5.14  ? 5   TYR A HD1   1 
ATOM   56  H HD2   . TYR A 1 5 ? -2.379 -0.405  0.928   1.00 4.72  ? 5   TYR A HD2   1 
ATOM   57  H HE1   . TYR A 1 5 ? -0.922 2.052   4.966   1.00 6.16  ? 5   TYR A HE1   1 
ATOM   58  H HE2   . TYR A 1 5 ? -3.776 -0.434  2.949   1.00 5.35  ? 5   TYR A HE2   1 
ATOM   59  H HH    . TYR A 1 5 ? -4.137 0.600   5.053   0.00 5.52  ? 5   TYR A HH    1 
ATOM   60  N N     . GLY A 1 6 ? -0.451 4.363   0.759   1.00 6.58  ? 6   GLY A N     1 
ATOM   61  C CA    . GLY A 1 6 ? -0.068 5.597   1.460   1.00 6.99  ? 6   GLY A CA    1 
ATOM   62  C C     . GLY A 1 6 ? -0.623 6.888   0.856   1.00 6.11  ? 6   GLY A C     1 
ATOM   63  O O     . GLY A 1 6 ? -0.376 7.145   -0.336  1.00 6.57  ? 6   GLY A O     1 
ATOM   64  O OXT   . GLY A 1 6 ? -1.264 7.638   1.618   1.00 8.27  ? 6   GLY A OXT   1 
ATOM   65  H H     . GLY A 1 6 ? -1.451 4.319   0.584   1.00 4.96  ? 6   GLY A H     1 
ATOM   66  H HA2   . GLY A 1 6 ? -0.391 5.523   2.498   1.00 6.05  ? 6   GLY A HA2   1 
ATOM   67  H HA3   . GLY A 1 6 ? 1.017  5.692   1.462   1.00 11.11 ? 6   GLY A HA3   1 
ATOM   68  N N     . SER B 1 1 ? -0.811 -2.850  15.059  1.00 9.10  ? 1   SER B N     1 
ATOM   69  C CA    . SER B 1 1 ? 0.344  -2.994  14.165  1.00 8.66  ? 1   SER B CA    1 
ATOM   70  C C     . SER B 1 1 ? 0.035  -2.427  12.759  1.00 7.24  ? 1   SER B C     1 
ATOM   71  O O     . SER B 1 1 ? -1.137 -2.139  12.476  1.00 9.77  ? 1   SER B O     1 
ATOM   72  C CB    . SER B 1 1 ? 0.730  -4.472  14.028  1.00 9.72  ? 1   SER B CB    1 
ATOM   73  O OG    . SER B 1 1 ? 1.125  -5.079  15.251  1.00 13.83 ? 1   SER B OG    1 
ATOM   74  H HA    . SER B 1 1 ? 1.185  -2.447  14.586  1.00 10.20 ? 1   SER B HA    1 
ATOM   75  H HB2   . SER B 1 1 ? -0.129 -5.009  13.628  1.00 9.77  ? 1   SER B HB2   1 
ATOM   76  H HB3   . SER B 1 1 ? 1.555  -4.556  13.324  1.00 5.94  ? 1   SER B HB3   1 
ATOM   77  H HG    . SER B 1 1 ? 1.170  -4.421  15.993  0.00 14.40 ? 1   SER B HG    1 
ATOM   78  N N     . THR B 1 2 ? 1.055  -2.233  11.893  1.00 6.86  ? 2   THR B N     1 
ATOM   79  C CA    . THR B 1 2 ? 0.851  -1.707  10.529  1.00 5.87  ? 2   THR B CA    1 
ATOM   80  C C     . THR B 1 2 ? 0.854  -2.849  9.454   1.00 8.18  ? 2   THR B C     1 
ATOM   81  O O     . THR B 1 2 ? 1.594  -3.830  9.573   1.00 8.82  ? 2   THR B O     1 
ATOM   82  C CB    . THR B 1 2 ? 1.842  -0.553  10.200  1.00 9.80  ? 2   THR B CB    1 
ATOM   83  O OG1   . THR B 1 2 ? 3.191  -1.024  10.125  1.00 9.23  ? 2   THR B OG1   1 
ATOM   84  C CG2   . THR B 1 2 ? 1.762  0.596   11.206  1.00 10.24 ? 2   THR B CG2   1 
ATOM   85  H H     . THR B 1 2 ? 2.029  -2.421  12.111  1.00 9.83  ? 2   THR B H     1 
ATOM   86  H HA    . THR B 1 2 ? -0.137 -1.255  10.478  1.00 11.26 ? 2   THR B HA    1 
ATOM   87  H HB    . THR B 1 2 ? 1.570  -0.151  9.226   1.00 8.82  ? 2   THR B HB    1 
ATOM   88  H HG1   . THR B 1 2 ? 3.789  -0.288  9.833   0.00 8.50  ? 2   THR B HG1   1 
ATOM   89  H HG21  . THR B 1 2 ? 0.730  0.926   11.316  1.00 10.28 ? 2   THR B HG21  1 
ATOM   90  H HG22  . THR B 1 2 ? 2.372  1.433   10.870  1.00 9.07  ? 2   THR B HG22  1 
ATOM   91  H HG23  . THR B 1 2 ? 2.127  0.269   12.179  1.00 11.17 ? 2   THR B HG23  1 
ATOM   92  N N     . GLY B 1 3 ? 0.007  -2.689  8.426   1.00 6.92  ? 3   GLY B N     1 
ATOM   93  C CA    . GLY B 1 3 ? -0.185 -3.661  7.339   1.00 6.85  ? 3   GLY B CA    1 
ATOM   94  C C     . GLY B 1 3 ? -0.746 -3.055  6.056   1.00 7.68  ? 3   GLY B C     1 
ATOM   95  O O     . GLY B 1 3 ? -0.761 -1.834  5.899   1.00 7.94  ? 3   GLY B O     1 
ATOM   96  H H     . GLY B 1 3 ? -0.573 -1.863  8.319   1.00 5.51  ? 3   GLY B H     1 
ATOM   97  H HA2   . GLY B 1 3 ? 0.774  -4.102  7.072   1.00 5.43  ? 3   GLY B HA2   1 
ATOM   98  H HA3   . GLY B 1 3 ? -0.849 -4.456  7.670   1.00 7.41  ? 3   GLY B HA3   1 
ATOM   99  N N     . GLY B 1 4 ? -1.170 -3.921  5.126   1.00 6.52  ? 4   GLY B N     1 
ATOM   100 C CA    . GLY B 1 4 ? -1.669 -3.561  3.791   1.00 6.24  ? 4   GLY B CA    1 
ATOM   101 C C     . GLY B 1 4 ? -0.738 -3.924  2.629   1.00 5.52  ? 4   GLY B C     1 
ATOM   102 O O     . GLY B 1 4 ? 0.422  -4.317  2.856   1.00 5.25  ? 4   GLY B O     1 
ATOM   103 H H     . GLY B 1 4 ? -1.193 -4.922  5.290   1.00 7.22  ? 4   GLY B H     1 
ATOM   104 H HA2   . GLY B 1 4 ? -2.600 -4.096  3.619   1.00 12.02 ? 4   GLY B HA2   1 
ATOM   105 H HA3   . GLY B 1 4 ? -1.888 -2.497  3.730   1.00 8.51  ? 4   GLY B HA3   1 
ATOM   106 N N     . TYR B 1 5 ? -1.250 -3.840  1.363   1.00 5.21  ? 5   TYR B N     1 
ATOM   107 C CA    . TYR B 1 5 ? -0.544 -4.190  0.117   1.00 5.18  ? 5   TYR B CA    1 
ATOM   108 C C     . TYR B 1 5 ? -0.514 -3.022  -0.900  1.00 5.57  ? 5   TYR B C     1 
ATOM   109 O O     . TYR B 1 5 ? -1.568 -2.446  -1.178  1.00 5.16  ? 5   TYR B O     1 
ATOM   110 C CB    . TYR B 1 5 ? -1.261 -5.404  -0.571  1.00 5.18  ? 5   TYR B CB    1 
ATOM   111 C CG    . TYR B 1 5 ? -1.167 -6.722  0.176   1.00 5.33  ? 5   TYR B CG    1 
ATOM   112 C CD1   . TYR B 1 5 ? -2.018 -7.007  1.241   1.00 6.55  ? 5   TYR B CD1   1 
ATOM   113 C CD2   . TYR B 1 5 ? -0.313 -7.735  -0.263  1.00 5.94  ? 5   TYR B CD2   1 
ATOM   114 C CE1   . TYR B 1 5 ? -1.953 -8.229  1.909   1.00 10.21 ? 5   TYR B CE1   1 
ATOM   115 C CE2   . TYR B 1 5 ? -0.242 -8.961  0.396   1.00 6.94  ? 5   TYR B CE2   1 
ATOM   116 C CZ    . TYR B 1 5 ? -1.080 -9.219  1.466   1.00 5.51  ? 5   TYR B CZ    1 
ATOM   117 O OH    . TYR B 1 5 ? -1.030 -10.435 2.135   1.00 7.20  ? 5   TYR B OH    1 
ATOM   118 H H     . TYR B 1 5 ? -2.199 -3.526  1.186   1.00 9.55  ? 5   TYR B H     1 
ATOM   119 H HA    . TYR B 1 5 ? 0.479  -4.494  0.340   1.00 6.40  ? 5   TYR B HA    1 
ATOM   120 H HB2   . TYR B 1 5 ? -2.315 -5.162  -0.704  1.00 10.45 ? 5   TYR B HB2   1 
ATOM   121 H HB3   . TYR B 1 5 ? -0.803 -5.545  -1.548  1.00 8.73  ? 5   TYR B HB3   1 
ATOM   122 H HD1   . TYR B 1 5 ? -2.698 -6.240  1.606   1.00 7.12  ? 5   TYR B HD1   1 
ATOM   123 H HD2   . TYR B 1 5 ? 0.324  -7.559  -1.129  1.00 7.56  ? 5   TYR B HD2   1 
ATOM   124 H HE1   . TYR B 1 5 ? -2.615 -8.422  2.754   1.00 8.66  ? 5   TYR B HE1   1 
ATOM   125 H HE2   . TYR B 1 5 ? 0.435  -9.731  0.030   1.00 9.29  ? 5   TYR B HE2   1 
ATOM   126 H HH    . TYR B 1 5 ? -0.286 -11.003 1.805   0.00 7.65  ? 5   TYR B HH    1 
ATOM   127 N N     . GLY B 1 6 ? 0.657  -2.726  -1.473  1.00 5.60  ? 6   GLY B N     1 
ATOM   128 C CA    . GLY B 1 6 ? 0.812  -1.727  -2.535  1.00 5.46  ? 6   GLY B CA    1 
ATOM   129 C C     . GLY B 1 6 ? 0.611  -2.376  -3.927  1.00 5.10  ? 6   GLY B C     1 
ATOM   130 O O     . GLY B 1 6 ? 0.768  -3.606  -4.065  1.00 7.55  ? 6   GLY B O     1 
ATOM   131 O OXT   . GLY B 1 6 ? 0.298  -1.639  -4.877  1.00 8.01  ? 6   GLY B OXT   1 
ATOM   132 H H     . GLY B 1 6 ? 1.539  -3.137  -1.185  1.00 5.19  ? 6   GLY B H     1 
ATOM   133 H HA2   . GLY B 1 6 ? 0.093  -0.915  -2.423  1.00 7.76  ? 6   GLY B HA2   1 
ATOM   134 H HA3   . GLY B 1 6 ? 1.817  -1.313  -2.491  1.00 5.91  ? 6   GLY B HA3   1 
HETATM 135 O "O2'" . TOE C 2 . ? -6.439 -5.638  4.708   0.33 12.16 ? 101 TOE B "O2'" 1 
HETATM 136 C "CA'" . TOE C 2 . ? -5.713 -6.700  4.142   0.33 10.78 ? 101 TOE B "CA'" 1 
HETATM 137 C "CB'" . TOE C 2 . ? -4.200 -6.612  4.406   0.33 9.22  ? 101 TOE B "CB'" 1 
HETATM 138 O "OC'" . TOE C 2 . ? -3.978 -6.012  5.659   0.33 11.43 ? 101 TOE B "OC'" 1 
HETATM 139 C "CD'" . TOE C 2 . ? -3.419 -6.890  6.637   0.33 14.10 ? 101 TOE B "CD'" 1 
HETATM 140 C "CE'" . TOE C 2 . ? -2.235 -7.695  6.039   0.33 13.59 ? 101 TOE B "CE'" 1 
HETATM 141 O "OF'" . TOE C 2 . ? -1.248 -6.937  5.395   0.33 10.43 ? 101 TOE B "OF'" 1 
HETATM 142 C "CG'" . TOE C 2 . ? 0.037  -7.598  5.649   0.33 9.08  ? 101 TOE B "CG'" 1 
HETATM 143 C "CH'" . TOE C 2 . ? 0.797  -6.997  6.808   0.33 12.56 ? 101 TOE B "CH'" 1 
HETATM 144 O "OI'" . TOE C 2 . ? 1.272  -8.052  7.636   0.33 18.30 ? 101 TOE B "OI'" 1 
HETATM 145 C "CK'" . TOE C 2 . ? 2.455  -8.626  7.054   0.33 22.09 ? 101 TOE B "CK'" 1 
HETATM 146 O O     . HOH D 3 . ? 0.019  3.552   -15.137 1.00 13.58 ? 101 HOH A O     1 
HETATM 147 O O     . HOH E 3 . ? -1.844 -0.415  15.789  1.00 10.72 ? 201 HOH B O     1 
HETATM 148 O O     . HOH E 3 . ? 2.874  -5.699  11.316  1.00 36.56 ? 202 HOH B O     1 
# 
loop_
_atom_site_anisotrop.id 
_atom_site_anisotrop.type_symbol 
_atom_site_anisotrop.pdbx_label_atom_id 
_atom_site_anisotrop.pdbx_label_alt_id 
_atom_site_anisotrop.pdbx_label_comp_id 
_atom_site_anisotrop.pdbx_label_asym_id 
_atom_site_anisotrop.pdbx_label_seq_id 
_atom_site_anisotrop.pdbx_PDB_ins_code 
_atom_site_anisotrop.U[1][1] 
_atom_site_anisotrop.U[2][2] 
_atom_site_anisotrop.U[3][3] 
_atom_site_anisotrop.U[1][2] 
_atom_site_anisotrop.U[1][3] 
_atom_site_anisotrop.U[2][3] 
_atom_site_anisotrop.pdbx_auth_seq_id 
_atom_site_anisotrop.pdbx_auth_comp_id 
_atom_site_anisotrop.pdbx_auth_asym_id 
_atom_site_anisotrop.pdbx_auth_atom_id 
1   N N    . SER A 1 ? 0.0480 0.1532 0.0800 0.0083 0.0087  0.0421 1 SER A N    
2   C CA   . SER A 1 ? 0.0385 0.1114 0.0533 0.0065 0.0030  0.0335 1 SER A CA   
3   C C    . SER A 1 ? 0.0482 0.1486 0.0771 0.0070 0.0072  0.0380 1 SER A C    
4   O O    . SER A 1 ? 0.0387 0.1177 0.0526 0.0073 0.0031  0.0342 1 SER A O    
5   C CB   . SER A 1 ? 0.0415 0.1394 0.0739 0.0062 0.0071  0.0408 1 SER A CB   
6   O OG   . SER A 1 ? 0.0795 0.1790 0.1146 0.0060 0.0072  0.0424 1 SER A OG   
7   H HA   . SER A 1 ? 0.0388 0.1297 0.0583 0.0079 0.0042  0.0400 1 SER A HA   
8   H HB2  . SER A 1 ? 0.0385 0.1099 0.0555 0.0059 0.0029  0.0355 1 SER A HB2  
9   H HB3  . SER A 1 ? 0.0392 0.1328 0.0686 0.0057 0.0059  0.0393 1 SER A HB3  
10  H HG   . SER A 1 ? 0.0586 0.1608 0.0945 0.0068 0.0080  0.0439 1 SER A HG   
11  N N    . THR A 2 ? 0.0387 0.1249 0.0551 0.0069 0.0034  0.0363 2 THR A N    
12  C CA   . THR A 2 ? 0.0388 0.1266 0.0564 0.0066 0.0038  0.0344 2 THR A CA   
13  C C    . THR A 2 ? 0.0383 0.0952 0.0479 0.0042 0.0017  0.0239 2 THR A C    
14  O O    . THR A 2 ? 0.0387 0.1227 0.0569 0.0055 0.0034  0.0337 2 THR A O    
15  C CB   . THR A 2 ? 0.0656 0.1661 0.0926 0.0071 0.0059  0.0331 2 THR A CB   
16  O OG1  . THR A 2 ? 0.0772 0.1824 0.1050 0.0084 0.0064  0.0338 2 THR A OG1  
17  C CG2  . THR A 2 ? 0.0910 0.1902 0.1177 0.0068 0.0055  0.0311 2 THR A CG2  
18  H H    . THR A 2 ? 0.0387 0.1262 0.0573 0.0065 0.0037  0.0363 2 THR A H    
19  H HA   . THR A 2 ? 0.0991 0.1969 0.1254 0.0065 0.0066  0.0345 2 THR A HA   
20  H HB   . THR A 2 ? 0.0510 0.1515 0.0784 0.0070 0.0055  0.0332 2 THR A HB   
21  H HG1  . THR A 2 ? 0.0722 0.1795 0.1000 0.0091 0.0062  0.0324 2 THR A HG1  
22  H HG21 . THR A 2 ? 0.0909 0.1869 0.1170 0.0060 0.0052  0.0309 2 THR A HG21 
23  H HG22 . THR A 2 ? 0.1035 0.2048 0.1307 0.0073 0.0052  0.0299 2 THR A HG22 
24  H HG23 . THR A 2 ? 0.1216 0.2211 0.1480 0.0067 0.0060  0.0309 2 THR A HG23 
25  N N    . GLY A 3 ? 0.0383 0.0938 0.0477 0.0040 0.0016  0.0233 3 GLY A N    
26  C CA   . GLY A 3 ? 0.0384 0.1136 0.0516 0.0052 0.0022  0.0321 3 GLY A CA   
27  C C    . GLY A 3 ? 0.0388 0.1226 0.0606 0.0049 0.0042  0.0335 3 GLY A C    
28  O O    . GLY A 3 ? 0.0687 0.1554 0.0938 0.0049 0.0049  0.0342 3 GLY A O    
29  H H    . GLY A 3 ? 0.0384 0.1123 0.0507 0.0054 0.0023  0.0307 3 GLY A H    
30  H HA2  . GLY A 3 ? 0.0494 0.1371 0.0730 0.0047 0.0055  0.0327 3 GLY A HA2  
31  H HA3  . GLY A 3 ? 0.0384 0.1068 0.0501 0.0047 0.0020  0.0288 3 GLY A HA3  
32  N N    . GLY A 4 ? 0.0427 0.1273 0.0664 0.0049 0.0046  0.0329 4 GLY A N    
33  C CA   . GLY A 4 ? 0.0384 0.1147 0.0556 0.0053 0.0029  0.0328 4 GLY A CA   
34  C C    . GLY A 4 ? 0.0501 0.1320 0.0729 0.0059 0.0038  0.0327 4 GLY A C    
35  O O    . GLY A 4 ? 0.0794 0.1616 0.1017 0.0058 0.0041  0.0331 4 GLY A O    
36  H H    . GLY A 4 ? 0.0388 0.1216 0.0607 0.0050 0.0043  0.0324 4 GLY A H    
37  H HA2  . GLY A 4 ? 0.0383 0.0991 0.0500 0.0045 0.0020  0.0271 4 GLY A HA2  
38  H HA3  . GLY A 4 ? 0.0744 0.1580 0.0994 0.0052 0.0038  0.0332 4 GLY A HA3  
39  N N    . TYR A 5 ? 0.0385 0.0993 0.0501 0.0053 0.0024  0.0272 5 TYR A N    
40  C CA   . TYR A 5 ? 0.0387 0.1131 0.0541 0.0073 0.0031  0.0321 5 TYR A CA   
41  C C    . TYR A 5 ? 0.0713 0.1518 0.0940 0.0088 0.0020  0.0314 5 TYR A C    
42  O O    . TYR A 5 ? 0.0864 0.1670 0.1100 0.0090 0.0016  0.0306 5 TYR A O    
43  C CB   . TYR A 5 ? 0.0423 0.1227 0.0629 0.0087 0.0035  0.0322 5 TYR A CB   
44  C CG   . TYR A 5 ? 0.0443 0.1250 0.0640 0.0100 0.0035  0.0326 5 TYR A CG   
45  C CD1  . TYR A 5 ? 0.0492 0.1306 0.0687 0.0118 0.0026  0.0320 5 TYR A CD1  
46  C CD2  . TYR A 5 ? 0.0647 0.1456 0.0838 0.0098 0.0043  0.0337 5 TYR A CD2  
47  C CE1  . TYR A 5 ? 0.0642 0.1468 0.0827 0.0136 0.0026  0.0324 5 TYR A CE1  
48  C CE2  . TYR A 5 ? 0.0498 0.1317 0.0681 0.0113 0.0044  0.0344 5 TYR A CE2  
49  C CZ   . TYR A 5 ? 0.0586 0.1414 0.0764 0.0133 0.0035  0.0339 5 TYR A CZ   
50  O OH   . TYR A 5 ? 0.0403 0.1203 0.0529 0.0136 0.0053  0.0341 5 TYR A OH   
51  H H    . TYR A 5 ? 0.0384 0.0929 0.0487 0.0048 0.0021  0.0243 5 TYR A H    
52  H HA   . TYR A 5 ? 0.0533 0.1341 0.0743 0.0077 0.0034  0.0326 5 TYR A HA   
53  H HB2  . TYR A 5 ? 0.0571 0.1372 0.0776 0.0079 0.0041  0.0325 5 TYR A HB2  
54  H HB3  . TYR A 5 ? 0.0507 0.1309 0.0715 0.0091 0.0032  0.0316 5 TYR A HB3  
55  H HD1  . TYR A 5 ? 0.0392 0.1065 0.0497 0.0091 0.0038  0.0283 5 TYR A HD1  
56  H HD2  . TYR A 5 ? 0.0387 0.0919 0.0488 0.0060 0.0027  0.0241 5 TYR A HD2  
57  H HE1  . TYR A 5 ? 0.0441 0.1276 0.0625 0.0153 0.0017  0.0316 5 TYR A HE1  
58  H HE2  . TYR A 5 ? 0.0393 0.1114 0.0525 0.0098 0.0043  0.0326 5 TYR A HE2  
59  H HH   . TYR A 5 ? 0.0400 0.1174 0.0523 0.0126 0.0053  0.0337 5 TYR A HH   
60  N N    . GLY A 6 ? 0.0489 0.1296 0.0716 0.0092 0.0014  0.0314 6 GLY A N    
61  C CA   . GLY A 6 ? 0.0536 0.1343 0.0778 0.0102 0.0001  0.0303 6 GLY A CA   
62  C C    . GLY A 6 ? 0.0421 0.1224 0.0674 0.0097 -0.0004 0.0306 6 GLY A C    
63  O O    . GLY A 6 ? 0.0477 0.1278 0.0742 0.0083 0.0003  0.0315 6 GLY A O    
64  O OXT  . GLY A 6 ? 0.0694 0.1499 0.0947 0.0108 -0.0013 0.0300 6 GLY A OXT  
65  H H    . GLY A 6 ? 0.0386 0.1001 0.0497 0.0064 0.0028  0.0270 6 GLY A H    
66  H HA2  . GLY A 6 ? 0.0418 0.1231 0.0650 0.0117 -0.0003 0.0298 6 GLY A HA2  
67  H HA3  . GLY A 6 ? 0.1055 0.1859 0.1309 0.0101 -0.0002 0.0296 6 GLY A HA3  
68  N N    . SER B 1 ? 0.0477 0.1890 0.1091 0.0338 -0.0009 0.0458 1 SER B N    
69  C CA   . SER B 1 ? 0.0475 0.1792 0.1023 0.0329 0.0010  0.0459 1 SER B CA   
70  C C    . SER B 1 ? 0.0450 0.1520 0.0782 0.0262 0.0051  0.0434 1 SER B C    
71  O O    . SER B 1 ? 0.0536 0.1943 0.1232 0.0374 -0.0036 0.0452 1 SER B O    
72  C CB   . SER B 1 ? 0.0515 0.1964 0.1214 0.0381 -0.0021 0.0492 1 SER B CB   
73  O OG   . SER B 1 ? 0.1014 0.2513 0.1727 0.0383 -0.0019 0.0507 1 SER B OG   
74  H HA   . SER B 1 ? 0.0551 0.2050 0.1275 0.0385 -0.0017 0.0460 1 SER B HA   
75  H HB2  . SER B 1 ? 0.0531 0.1957 0.1222 0.0375 -0.0026 0.0500 1 SER B HB2  
76  H HB3  . SER B 1 ? 0.0422 0.1262 0.0574 0.0193 0.0091  0.0414 1 SER B HB3  
77  H HG   . SER B 1 ? 0.1065 0.2611 0.1794 0.0382 -0.0017 0.0497 1 SER B HG   
78  N N    . THR B 2 ? 0.0445 0.1440 0.0722 0.0249 0.0066  0.0428 2 THR B N    
79  C CA   . THR B 2 ? 0.0425 0.1239 0.0566 0.0196 0.0091  0.0400 2 THR B CA   
80  C C    . THR B 2 ? 0.0489 0.1628 0.0990 0.0325 0.0013  0.0448 2 THR B C    
81  O O    . THR B 2 ? 0.0507 0.1737 0.1106 0.0363 -0.0005 0.0468 2 THR B O    
82  C CB   . THR B 2 ? 0.0581 0.1895 0.1248 0.0384 -0.0017 0.0432 2 THR B CB   
83  O OG1  . THR B 2 ? 0.0513 0.1822 0.1172 0.0387 -0.0005 0.0433 2 THR B OG1  
84  C CG2  . THR B 2 ? 0.0611 0.1975 0.1305 0.0386 -0.0016 0.0415 2 THR B CG2  
85  H H    . THR B 2 ? 0.0556 0.1938 0.1239 0.0388 -0.0012 0.0456 2 THR B H    
86  H HA   . THR B 2 ? 0.0762 0.2086 0.1432 0.0378 -0.0031 0.0442 2 THR B HA   
87  H HB   . THR B 2 ? 0.0503 0.1736 0.1110 0.0364 -0.0010 0.0424 2 THR B HB   
88  H HG1  . THR B 2 ? 0.0491 0.1696 0.1042 0.0352 0.0017  0.0415 2 THR B HG1  
89  H HG21 . THR B 2 ? 0.0611 0.1983 0.1314 0.0383 -0.0025 0.0411 2 THR B HG21 
90  H HG22 . THR B 2 ? 0.0496 0.1808 0.1145 0.0374 -0.0004 0.0401 2 THR B HG22 
91  H HG23 . THR B 2 ? 0.0711 0.2117 0.1418 0.0389 -0.0011 0.0418 2 THR B HG23 
92  N N    . GLY B 3 ? 0.0456 0.1399 0.0774 0.0254 0.0054  0.0430 3 GLY B N    
93  C CA   . GLY B 3 ? 0.0455 0.1373 0.0772 0.0249 0.0057  0.0437 3 GLY B CA   
94  C C    . GLY B 3 ? 0.0486 0.1502 0.0930 0.0297 0.0016  0.0443 3 GLY B C    
95  O O    . GLY B 3 ? 0.0496 0.1545 0.0977 0.0314 0.0000  0.0437 3 GLY B O    
96  H H    . GLY B 3 ? 0.0419 0.1120 0.0555 0.0170 0.0083  0.0360 3 GLY B H    
97  H HA2  . GLY B 3 ? 0.0418 0.1078 0.0565 0.0164 0.0084  0.0360 3 GLY B HA2  
98  H HA3  . GLY B 3 ? 0.0472 0.1472 0.0871 0.0278 0.0035  0.0453 3 GLY B HA3  
99  N N    . GLY B 4 ? 0.0448 0.1298 0.0731 0.0228 0.0064  0.0431 4 GLY B N    
100 C CA   . GLY B 4 ? 0.0440 0.1242 0.0690 0.0210 0.0072  0.0422 4 GLY B CA   
101 C C    . GLY B 4 ? 0.0418 0.1089 0.0588 0.0165 0.0089  0.0384 4 GLY B C    
102 O O    . GLY B 4 ? 0.0414 0.1015 0.0566 0.0148 0.0080  0.0345 4 GLY B O    
103 H H    . GLY B 4 ? 0.0471 0.1415 0.0856 0.0268 0.0037  0.0451 4 GLY B H    
104 H HA2  . GLY B 4 ? 0.0958 0.2070 0.1540 0.0349 -0.0036 0.0467 4 GLY B HA2  
105 H HA3  . GLY B 4 ? 0.0525 0.1620 0.1089 0.0345 -0.0035 0.0455 4 GLY B HA3  
106 N N    . TYR B 5 ? 0.0412 0.1001 0.0566 0.0142 0.0077  0.0339 5 TYR B N    
107 C CA   . TYR B 5 ? 0.0411 0.0990 0.0567 0.0137 0.0076  0.0337 5 TYR B CA   
108 C C    . TYR B 5 ? 0.0416 0.1101 0.0598 0.0160 0.0088  0.0398 5 TYR B C    
109 O O    . TYR B 5 ? 0.0409 0.0986 0.0563 0.0133 0.0073  0.0334 5 TYR B O    
110 C CB   . TYR B 5 ? 0.0410 0.0989 0.0571 0.0135 0.0076  0.0341 5 TYR B CB   
111 C CG   . TYR B 5 ? 0.0413 0.1024 0.0588 0.0145 0.0082  0.0367 5 TYR B CG   
112 C CD1  . TYR B 5 ? 0.0447 0.1274 0.0768 0.0221 0.0064  0.0443 5 TYR B CD1  
113 C CD2  . TYR B 5 ? 0.0425 0.1160 0.0670 0.0180 0.0087  0.0430 5 TYR B CD2  
114 C CE1  . TYR B 5 ? 0.0733 0.1813 0.1333 0.0333 -0.0010 0.0482 5 TYR B CE1  
115 C CE2  . TYR B 5 ? 0.0456 0.1324 0.0857 0.0240 0.0052  0.0452 5 TYR B CE2  
116 C CZ   . TYR B 5 ? 0.0415 0.1063 0.0616 0.0156 0.0092  0.0402 5 TYR B CZ   
117 O OH   . TYR B 5 ? 0.0464 0.1367 0.0905 0.0257 0.0050  0.0473 5 TYR B OH   
118 H H    . TYR B 5 ? 0.0666 0.1734 0.1229 0.0336 -0.0036 0.0461 5 TYR B H    
119 H HA   . TYR B 5 ? 0.0444 0.1248 0.0740 0.0213 0.0061  0.0425 5 TYR B HA   
120 H HB2  . TYR B 5 ? 0.0787 0.1838 0.1347 0.0321 -0.0025 0.0463 5 TYR B HB2  
121 H HB3  . TYR B 5 ? 0.0570 0.1613 0.1134 0.0310 -0.0018 0.0457 5 TYR B HB3  
122 H HD1  . TYR B 5 ? 0.0468 0.1374 0.0861 0.0257 0.0036  0.0450 5 TYR B HD1  
123 H HD2  . TYR B 5 ? 0.0474 0.1432 0.0967 0.0272 0.0019  0.0447 5 TYR B HD2  
124 H HE1  . TYR B 5 ? 0.0532 0.1625 0.1134 0.0338 -0.0013 0.0488 5 TYR B HE1  
125 H HE2  . TYR B 5 ? 0.0615 0.1673 0.1241 0.0319 0.0002  0.0469 5 TYR B HE2  
126 H HH   . TYR B 5 ? 0.0477 0.1433 0.0995 0.0282 0.0035  0.0478 5 TYR B HH   
127 N N    . GLY B 6 ? 0.0415 0.1110 0.0602 0.0160 0.0088  0.0402 6 GLY B N    
128 C CA   . GLY B 6 ? 0.0411 0.1074 0.0591 0.0147 0.0081  0.0382 6 GLY B CA   
129 C C    . GLY B 6 ? 0.0405 0.0973 0.0562 0.0120 0.0066  0.0328 6 GLY B C    
130 O O    . GLY B 6 ? 0.0476 0.1441 0.0951 0.0258 -0.0008 0.0438 6 GLY B O    
131 O OXT  . GLY B 6 ? 0.0513 0.1512 0.1018 0.0275 -0.0040 0.0450 6 GLY B OXT  
132 H H    . GLY B 6 ? 0.0410 0.0996 0.0566 0.0136 0.0074  0.0339 6 GLY B H    
133 H HA2  . GLY B 6 ? 0.0502 0.1468 0.0979 0.0284 -0.0026 0.0444 6 GLY B HA2  
134 H HA3  . GLY B 6 ? 0.0426 0.1162 0.0657 0.0173 0.0067  0.0402 6 GLY B HA3  
# 
